data_7RPW
#
_entry.id   7RPW
#
_cell.length_a   1.00
_cell.length_b   1.00
_cell.length_c   1.00
_cell.angle_alpha   90.00
_cell.angle_beta   90.00
_cell.angle_gamma   90.00
#
_symmetry.space_group_name_H-M   'P 1'
#
loop_
_entity.id
_entity.type
_entity.pdbx_description
1 polymer 'DNA polymerase sliding clamp 1'
2 polymer 'DNA polymerase sliding clamp 2'
3 polymer 'DNA polymerase sliding clamp 3'
4 polymer 'Upstream strand DNA'
5 polymer 'Downstream strand DNA'
6 polymer 'Template strand DNA'
7 polymer 'DNA ligase'
8 non-polymer 'MANGANESE (II) ION'
9 non-polymer 'ADENOSINE MONOPHOSPHATE'
#
loop_
_entity_poly.entity_id
_entity_poly.type
_entity_poly.pdbx_seq_one_letter_code
_entity_poly.pdbx_strand_id
1 'polypeptide(L)'
;MAFKIVYPNAKDFFSFINSITNVTDSIILNFTEDGIFSRHLTEDKVLMAIMRIPKDVLSEYSIDSPTSVKLDVSSVKKIL
SKASSKKATIELTETDSGLKIIIRDEKSGAKSTIYIKAEKGQVEQLTEPKVNLAVNFTTDESVLNVIAADVTLVGEEMRI
STEEDKIKIEAGEEGKRYVAFLMKDKPLKELSIDTSASSSYSAEMFKDAVKGLRGFSAPTMVSFGENLPMKIDVEAVSGG
HMIFWIAPRLLEHHHHHH
;
A
2 'polypeptide(L)'
;MKAKVIDAVSFSYILRTVGDFLSEANFIVTKEGIRVSGIDPSRVVFLDIFLPSSYFEGFEVSQEKEIIGFKLEDVNDILK
RVLKDDTLILSSNESKLTLTFDGEFTRSFELPLIQVESTQPPSVNLEFPFKAQLLTITFADIIDELSDLGEVLNIHSKEN
KLYFEVIGDLSTAKVELSTDNGTLLEASGADVSSSYGMEYVANTTKMRRASDSMELYFGSQIPLKLRFKLPQEGYGDFYI
APRAD
;
B
3 'polypeptide(L)'
;MKVVYDDVRVLKDIIQALARLVDEAVLKFKQDSVELVALDRAHISLISVNLPREMFKEYDVNDEFKFGFNTQYLMKILKV
AKRKEAIEIASESPDSVIINIIGSTNREFNVRNLEVSEQEIPEINLQFDISATISSDGFKSAISEVSTVTDNVVVEGHED
RILIKAEGESEVEVEFSKDTGGLQDLEFSKESKNSYSAEYLDDVLSLTKLSDYVKISFGNQKPLQLFFNMEGGGKVTYLL
APKVLEHHHHHH
;
C
4 'polydeoxyribonucleotide'
;(DG)(DT)(DA)(DT)(DC)(DC)(DT)(DC)(DG)(DT)(DA)(DG)(DT)(DG)(DC)(DA)(DG)(DA)(DT)(DG)
(DC)(DG)(DT)(DC)
;
X
5 'polydeoxyribonucleotide'
;(DG)(DT)(DC)(DG)(DG)(DA)(DC)(DT)(DG)(DA)(DT)(DT)(DC)(DG)(DG)(DT)(DA)(DG)(DA)(DT)
(DC)(DT)(DG)
;
Y
6 'polydeoxyribonucleotide'
;(DC)(DA)(DG)(DA)(DT)(DC)(DT)(DA)(DC)(DC)(DG)(DA)(DA)(DT)(DC)(DA)(DG)(DT)(DC)(DC)
(DG)(DA)(DC)(DG)(DA)(DC)(DG)(DC)(DA)(DT)(DC)(DT)(DG)(DC)(DA)(DC)(DT)(DA)(DC)(DG)
(DA)(DG)(DG)(DA)(DT)(DA)(DC)
;
Z
7 'polypeptide(L)'
;MGSSHHHHHHSSGLVPRGSHMEFKVIAEYFDKLEKISSRLQLTALLADLLSKSDKTIIDKVVYIIQGKLWPDFLGYPELG
IGEKFLIKAISIATNTDENSVENLYKTIGDLGEVARRLKSKQQSTGILGFLGTTSKESLTVDEVYSTLSKVALTTGEGSR
DLKIRLLAGLLKKADPLEAKFLVRFVEGRLRVGIGDATVLDAMAIAFGGGQSASEIIERAYNLRADLGNIAKIIVEKGIE
ALKTLKPQVGIPIRPMLAERLSNPEEILKKMGGNAIVDYKYDGERAQIHKKEDKIFIFSRRLENITSQYPDVVDYVSKYI
EGKEFIIEGEIVAIDPESGEMRPFQELMHRKRKSDIYEAIKEYPVNVFLFDLMYYEDVDYTTKPLEARRKLLESIVKPND
YVKIAHHIQANNVEDLKSFFYRAISEGGEGVMVKAIGKDAIYQAGARGWLWIKLKRDYQSEMADTVDLVVVGGFYGKGKR
GGKISSLLMAAYNPKTDSFESVCKVASGFSDEQLDELQKKLMEIKRDVKHPRVNSKMEPDIWVEPVYVAEIIGSEITISP
LHTCCQDVVEKDAGLSIRFPRFIRWRDDKSPEDATTTDEILEMYNKQPKKKIESPAVDESV
;
E
#
loop_
_chem_comp.id
_chem_comp.type
_chem_comp.name
_chem_comp.formula
AMP non-polymer 'ADENOSINE MONOPHOSPHATE' 'C10 H14 N5 O7 P'
DA DNA linking 2'-DEOXYADENOSINE-5'-MONOPHOSPHATE 'C10 H14 N5 O6 P'
DC DNA linking 2'-DEOXYCYTIDINE-5'-MONOPHOSPHATE 'C9 H14 N3 O7 P'
DG DNA linking 2'-DEOXYGUANOSINE-5'-MONOPHOSPHATE 'C10 H14 N5 O7 P'
DT DNA linking THYMIDINE-5'-MONOPHOSPHATE 'C10 H15 N2 O8 P'
MN non-polymer 'MANGANESE (II) ION' 'Mn 2'
#
# COMPACT_ATOMS: atom_id res chain seq x y z
N MET A 1 16.09 -33.44 -40.91
CA MET A 1 15.62 -32.68 -39.75
C MET A 1 14.10 -32.66 -39.69
N ALA A 2 13.58 -32.36 -38.49
CA ALA A 2 12.16 -32.16 -38.29
C ALA A 2 11.81 -30.82 -37.68
N PHE A 3 12.80 -30.04 -37.23
CA PHE A 3 12.54 -28.77 -36.57
C PHE A 3 13.79 -27.91 -36.73
N LYS A 4 13.75 -26.95 -37.65
CA LYS A 4 14.88 -26.04 -37.86
C LYS A 4 14.32 -24.72 -38.37
N ILE A 5 14.21 -23.74 -37.48
CA ILE A 5 13.75 -22.41 -37.83
C ILE A 5 14.61 -21.38 -37.09
N VAL A 6 14.85 -20.26 -37.74
CA VAL A 6 15.62 -19.16 -37.16
C VAL A 6 14.92 -17.85 -37.51
N TYR A 7 14.69 -17.02 -36.50
CA TYR A 7 14.02 -15.75 -36.75
C TYR A 7 14.93 -14.57 -36.43
N PRO A 8 14.93 -13.52 -37.25
CA PRO A 8 15.85 -12.40 -37.03
C PRO A 8 15.60 -11.64 -35.73
N ASN A 9 14.39 -11.14 -35.56
CA ASN A 9 14.08 -10.20 -34.49
C ASN A 9 13.42 -10.95 -33.34
N ALA A 10 14.12 -11.03 -32.21
CA ALA A 10 13.54 -11.65 -31.03
C ALA A 10 12.32 -10.86 -30.54
N LYS A 11 12.41 -9.52 -30.61
CA LYS A 11 11.29 -8.70 -30.15
C LYS A 11 10.05 -8.93 -31.00
N ASP A 12 10.22 -9.06 -32.32
CA ASP A 12 9.05 -9.31 -33.17
C ASP A 12 8.42 -10.66 -32.86
N PHE A 13 9.25 -11.69 -32.66
CA PHE A 13 8.72 -13.00 -32.30
C PHE A 13 7.97 -12.95 -30.98
N PHE A 14 8.53 -12.27 -29.98
CA PHE A 14 7.87 -12.21 -28.68
C PHE A 14 6.59 -11.39 -28.75
N SER A 15 6.58 -10.33 -29.57
CA SER A 15 5.34 -9.57 -29.75
C SER A 15 4.28 -10.42 -30.43
N PHE A 16 4.69 -11.25 -31.40
CA PHE A 16 3.77 -12.21 -31.99
C PHE A 16 3.15 -13.10 -30.93
N ILE A 17 3.98 -13.73 -30.10
CA ILE A 17 3.43 -14.66 -29.13
C ILE A 17 2.62 -13.93 -28.08
N ASN A 18 2.96 -12.67 -27.78
CA ASN A 18 2.15 -11.88 -26.85
C ASN A 18 0.77 -11.62 -27.42
N SER A 19 0.71 -11.20 -28.68
CA SER A 19 -0.58 -10.96 -29.33
C SER A 19 -1.42 -12.23 -29.34
N ILE A 20 -0.78 -13.37 -29.56
CA ILE A 20 -1.55 -14.62 -29.56
C ILE A 20 -2.01 -14.99 -28.15
N THR A 21 -1.14 -14.81 -27.15
CA THR A 21 -1.48 -15.20 -25.79
C THR A 21 -2.51 -14.27 -25.17
N ASN A 22 -2.66 -13.05 -25.69
CA ASN A 22 -3.70 -12.17 -25.17
C ASN A 22 -5.10 -12.63 -25.53
N VAL A 23 -5.23 -13.65 -26.40
CA VAL A 23 -6.54 -14.12 -26.82
C VAL A 23 -6.87 -15.52 -26.28
N THR A 24 -5.88 -16.26 -25.80
CA THR A 24 -6.11 -17.59 -25.23
C THR A 24 -4.84 -18.00 -24.47
N ASP A 25 -4.79 -19.26 -24.05
CA ASP A 25 -3.66 -19.77 -23.30
C ASP A 25 -2.92 -20.90 -24.00
N SER A 26 -3.47 -21.45 -25.09
CA SER A 26 -2.86 -22.53 -25.83
C SER A 26 -2.34 -22.01 -27.18
N ILE A 27 -1.44 -22.78 -27.78
CA ILE A 27 -0.75 -22.37 -29.00
C ILE A 27 -1.01 -23.42 -30.08
N ILE A 28 -1.38 -22.95 -31.27
CA ILE A 28 -1.52 -23.79 -32.45
C ILE A 28 -0.50 -23.30 -33.48
N LEU A 29 0.45 -24.16 -33.81
CA LEU A 29 1.55 -23.81 -34.71
C LEU A 29 1.76 -24.98 -35.67
N ASN A 30 1.44 -24.76 -36.94
CA ASN A 30 1.67 -25.76 -37.98
C ASN A 30 2.74 -25.26 -38.93
N PHE A 31 3.59 -26.17 -39.40
CA PHE A 31 4.74 -25.83 -40.21
C PHE A 31 4.84 -26.80 -41.38
N THR A 32 4.96 -26.26 -42.57
CA THR A 32 4.93 -27.09 -43.77
C THR A 32 5.74 -26.40 -44.87
N GLU A 33 5.53 -26.85 -46.10
CA GLU A 33 6.29 -26.34 -47.25
C GLU A 33 6.14 -24.83 -47.40
N ASP A 34 5.05 -24.26 -46.92
CA ASP A 34 4.86 -22.82 -46.99
C ASP A 34 5.56 -22.07 -45.86
N GLY A 35 6.17 -22.78 -44.92
CA GLY A 35 6.72 -22.14 -43.74
C GLY A 35 5.95 -22.54 -42.50
N ILE A 36 5.62 -21.57 -41.66
CA ILE A 36 4.85 -21.81 -40.44
C ILE A 36 3.59 -20.95 -40.49
N PHE A 37 2.44 -21.58 -40.42
CA PHE A 37 1.16 -20.92 -40.33
C PHE A 37 0.54 -21.21 -38.98
N SER A 38 -0.18 -20.22 -38.44
CA SER A 38 -0.77 -20.37 -37.12
C SER A 38 -2.16 -19.76 -37.11
N ARG A 39 -2.98 -20.23 -36.17
CA ARG A 39 -4.37 -19.80 -36.07
C ARG A 39 -4.86 -20.08 -34.66
N HIS A 40 -5.71 -19.19 -34.16
CA HIS A 40 -6.33 -19.37 -32.84
C HIS A 40 -7.51 -18.43 -32.75
N LEU A 41 -8.67 -18.97 -32.36
CA LEU A 41 -9.89 -18.19 -32.28
C LEU A 41 -10.57 -18.43 -30.93
N THR A 42 -11.18 -17.38 -30.40
CA THR A 42 -11.90 -17.48 -29.13
C THR A 42 -13.19 -18.27 -29.33
N GLU A 43 -13.70 -18.79 -28.20
CA GLU A 43 -14.86 -19.66 -28.25
C GLU A 43 -16.08 -18.93 -28.83
N ASP A 44 -16.31 -17.69 -28.38
CA ASP A 44 -17.40 -16.91 -28.94
C ASP A 44 -17.17 -16.56 -30.39
N LYS A 45 -15.92 -16.62 -30.86
CA LYS A 45 -15.56 -16.31 -32.24
C LYS A 45 -15.97 -14.90 -32.62
N VAL A 46 -15.41 -13.93 -31.90
CA VAL A 46 -15.56 -12.53 -32.26
C VAL A 46 -14.24 -11.91 -32.72
N LEU A 47 -13.11 -12.38 -32.21
CA LEU A 47 -11.80 -11.97 -32.68
C LEU A 47 -11.10 -13.15 -33.32
N MET A 48 -10.12 -12.86 -34.18
CA MET A 48 -9.37 -13.89 -34.86
C MET A 48 -7.89 -13.63 -34.70
N ALA A 49 -7.12 -14.69 -34.42
CA ALA A 49 -5.68 -14.60 -34.23
C ALA A 49 -5.01 -15.60 -35.16
N ILE A 50 -4.31 -15.11 -36.16
CA ILE A 50 -3.60 -15.94 -37.14
C ILE A 50 -2.19 -15.39 -37.30
N MET A 51 -1.21 -16.28 -37.31
CA MET A 51 0.20 -15.90 -37.44
C MET A 51 0.77 -16.59 -38.67
N ARG A 52 0.85 -15.87 -39.78
CA ARG A 52 1.42 -16.38 -41.02
C ARG A 52 2.85 -15.88 -41.16
N ILE A 53 3.77 -16.79 -41.47
CA ILE A 53 5.18 -16.46 -41.59
C ILE A 53 5.64 -16.70 -43.03
N PRO A 54 5.95 -15.66 -43.79
CA PRO A 54 6.50 -15.89 -45.13
C PRO A 54 7.82 -16.64 -45.05
N LYS A 55 8.01 -17.58 -45.99
CA LYS A 55 9.15 -18.47 -45.92
C LYS A 55 10.39 -17.81 -46.52
N ASP A 56 10.70 -16.61 -46.06
CA ASP A 56 11.92 -15.92 -46.46
C ASP A 56 12.60 -15.37 -45.21
N VAL A 57 11.80 -15.07 -44.19
CA VAL A 57 12.35 -14.56 -42.94
C VAL A 57 13.22 -15.61 -42.27
N LEU A 58 12.75 -16.86 -42.25
CA LEU A 58 13.49 -17.93 -41.61
C LEU A 58 14.84 -18.14 -42.28
N SER A 59 15.91 -17.88 -41.53
CA SER A 59 17.25 -18.01 -42.09
C SER A 59 17.54 -19.45 -42.53
N GLU A 60 17.12 -20.41 -41.72
CA GLU A 60 17.28 -21.83 -42.04
C GLU A 60 15.95 -22.53 -41.87
N TYR A 61 15.55 -23.30 -42.89
CA TYR A 61 14.33 -24.07 -42.87
C TYR A 61 14.66 -25.52 -43.19
N SER A 62 14.21 -26.43 -42.33
CA SER A 62 14.45 -27.86 -42.55
C SER A 62 13.40 -28.65 -41.79
N ILE A 63 12.52 -29.33 -42.52
CA ILE A 63 11.45 -30.14 -41.93
C ILE A 63 11.44 -31.51 -42.58
N ASP A 64 10.83 -32.47 -41.88
CA ASP A 64 10.63 -33.81 -42.39
C ASP A 64 9.23 -34.03 -42.93
N SER A 65 8.21 -33.54 -42.23
CA SER A 65 6.83 -33.69 -42.65
C SER A 65 6.02 -32.57 -42.02
N PRO A 66 4.94 -32.12 -42.66
CA PRO A 66 4.09 -31.10 -42.03
C PRO A 66 3.54 -31.60 -40.71
N THR A 67 3.85 -30.87 -39.64
CA THR A 67 3.46 -31.26 -38.29
C THR A 67 3.03 -30.02 -37.52
N SER A 68 2.46 -30.25 -36.33
CA SER A 68 2.08 -29.17 -35.44
C SER A 68 2.31 -29.62 -34.01
N VAL A 69 2.86 -28.73 -33.18
CA VAL A 69 3.20 -29.05 -31.80
C VAL A 69 2.15 -28.46 -30.88
N LYS A 70 1.65 -29.28 -29.96
CA LYS A 70 0.60 -28.87 -29.03
C LYS A 70 1.21 -27.98 -27.93
N LEU A 71 1.58 -26.77 -28.34
CA LEU A 71 2.24 -25.84 -27.44
C LEU A 71 1.22 -25.07 -26.61
N ASP A 72 1.66 -24.65 -25.42
CA ASP A 72 0.81 -23.94 -24.48
C ASP A 72 1.59 -22.79 -23.86
N VAL A 73 1.01 -21.59 -23.90
CA VAL A 73 1.57 -20.42 -23.22
C VAL A 73 0.85 -20.33 -21.88
N SER A 74 1.38 -21.01 -20.87
CA SER A 74 0.89 -20.91 -19.51
C SER A 74 1.95 -20.32 -18.58
N SER A 75 3.14 -20.93 -18.54
CA SER A 75 4.25 -20.42 -17.76
C SER A 75 5.42 -19.95 -18.62
N VAL A 76 5.48 -20.39 -19.88
CA VAL A 76 6.62 -20.06 -20.72
C VAL A 76 6.68 -18.58 -21.05
N LYS A 77 5.58 -17.85 -20.89
CA LYS A 77 5.55 -16.46 -21.32
C LYS A 77 6.46 -15.59 -20.46
N LYS A 78 6.35 -15.70 -19.13
CA LYS A 78 7.21 -14.90 -18.27
C LYS A 78 8.65 -15.36 -18.33
N ILE A 79 8.89 -16.63 -18.68
CA ILE A 79 10.26 -17.09 -18.94
C ILE A 79 10.82 -16.39 -20.17
N LEU A 80 10.05 -16.38 -21.25
CA LEU A 80 10.47 -15.73 -22.48
C LEU A 80 10.47 -14.21 -22.38
N SER A 81 9.90 -13.67 -21.31
CA SER A 81 9.85 -12.21 -21.15
C SER A 81 11.19 -11.59 -20.91
N LYS A 82 12.30 -12.34 -20.96
CA LYS A 82 13.64 -11.80 -20.82
C LYS A 82 14.43 -11.97 -22.11
N ALA A 83 13.79 -11.67 -23.24
CA ALA A 83 14.45 -11.65 -24.54
C ALA A 83 14.64 -10.20 -24.98
N SER A 84 15.85 -9.87 -25.41
CA SER A 84 16.22 -8.50 -25.72
C SER A 84 17.24 -8.53 -26.85
N SER A 85 17.99 -7.43 -27.00
CA SER A 85 19.01 -7.26 -28.04
C SER A 85 18.39 -7.08 -29.43
N LYS A 86 17.21 -6.45 -29.47
CA LYS A 86 16.49 -6.17 -30.69
C LYS A 86 16.36 -7.41 -31.57
N LYS A 87 17.22 -7.53 -32.57
CA LYS A 87 17.21 -8.69 -33.47
C LYS A 87 18.21 -9.74 -33.01
N ALA A 88 18.03 -10.18 -31.77
CA ALA A 88 18.83 -11.28 -31.25
C ALA A 88 18.46 -12.58 -31.94
N THR A 89 19.42 -13.49 -32.04
CA THR A 89 19.21 -14.74 -32.74
C THR A 89 18.34 -15.68 -31.91
N ILE A 90 17.21 -16.09 -32.47
CA ILE A 90 16.29 -17.01 -31.83
C ILE A 90 16.01 -18.16 -32.78
N GLU A 91 16.06 -19.38 -32.26
CA GLU A 91 15.84 -20.56 -33.08
C GLU A 91 15.09 -21.62 -32.28
N LEU A 92 14.42 -22.50 -33.02
CA LEU A 92 13.68 -23.62 -32.45
C LEU A 92 14.08 -24.91 -33.16
N THR A 93 14.20 -25.99 -32.40
CA THR A 93 14.54 -27.29 -32.95
C THR A 93 13.68 -28.33 -32.24
N GLU A 94 14.03 -29.61 -32.45
CA GLU A 94 13.29 -30.72 -31.89
C GLU A 94 14.15 -31.46 -30.88
N THR A 95 13.50 -31.95 -29.83
CA THR A 95 14.14 -32.78 -28.82
C THR A 95 13.06 -33.64 -28.17
N ASP A 96 13.46 -34.82 -27.71
CA ASP A 96 12.53 -35.71 -27.02
C ASP A 96 11.93 -35.06 -25.78
N SER A 97 12.59 -34.03 -25.23
CA SER A 97 12.02 -33.28 -24.13
C SER A 97 10.70 -32.63 -24.53
N GLY A 98 10.62 -32.11 -25.74
CA GLY A 98 9.38 -31.59 -26.29
C GLY A 98 9.50 -30.28 -27.04
N LEU A 99 10.38 -29.40 -26.58
CA LEU A 99 10.67 -28.16 -27.29
C LEU A 99 11.81 -27.45 -26.59
N LYS A 100 12.63 -26.75 -27.38
CA LYS A 100 13.83 -26.10 -26.87
C LYS A 100 14.01 -24.78 -27.62
N ILE A 101 13.60 -23.69 -26.99
CA ILE A 101 13.81 -22.36 -27.57
C ILE A 101 15.23 -21.92 -27.29
N ILE A 102 15.93 -21.48 -28.34
CA ILE A 102 17.30 -21.00 -28.22
C ILE A 102 17.32 -19.53 -28.60
N ILE A 103 17.67 -18.68 -27.64
CA ILE A 103 17.80 -17.25 -27.85
C ILE A 103 19.20 -16.82 -27.41
N ARG A 104 19.91 -16.13 -28.28
CA ARG A 104 21.25 -15.62 -27.98
C ARG A 104 21.27 -14.12 -28.20
N ASP A 105 21.78 -13.39 -27.21
CA ASP A 105 21.82 -11.93 -27.24
C ASP A 105 23.26 -11.47 -27.14
N GLU A 106 23.66 -10.58 -28.06
CA GLU A 106 25.03 -10.09 -28.13
C GLU A 106 25.23 -8.77 -27.42
N LYS A 107 24.20 -8.23 -26.77
CA LYS A 107 24.37 -6.99 -26.02
C LYS A 107 25.37 -7.17 -24.89
N SER A 108 25.25 -8.27 -24.15
CA SER A 108 26.26 -8.66 -23.17
C SER A 108 26.81 -10.05 -23.45
N GLY A 109 26.41 -10.67 -24.55
CA GLY A 109 26.95 -11.97 -24.89
C GLY A 109 26.48 -13.08 -23.97
N ALA A 110 25.19 -13.40 -24.03
CA ALA A 110 24.62 -14.48 -23.24
C ALA A 110 23.89 -15.45 -24.16
N LYS A 111 23.41 -16.55 -23.58
CA LYS A 111 22.67 -17.56 -24.32
C LYS A 111 21.47 -17.99 -23.49
N SER A 112 20.27 -17.79 -24.02
CA SER A 112 19.04 -18.21 -23.36
C SER A 112 18.51 -19.44 -24.10
N THR A 113 18.55 -20.58 -23.42
CA THR A 113 17.98 -21.82 -23.92
C THR A 113 17.07 -22.40 -22.85
N ILE A 114 15.86 -22.79 -23.25
CA ILE A 114 14.85 -23.25 -22.30
C ILE A 114 14.24 -24.55 -22.80
N TYR A 115 13.54 -25.24 -21.91
CA TYR A 115 12.93 -26.53 -22.19
C TYR A 115 11.43 -26.45 -22.03
N ILE A 116 10.71 -27.07 -22.98
CA ILE A 116 9.26 -27.22 -22.90
C ILE A 116 8.92 -28.67 -23.20
N LYS A 117 7.71 -29.07 -22.78
CA LYS A 117 7.19 -30.41 -23.02
C LYS A 117 5.87 -30.28 -23.78
N ALA A 118 5.90 -30.52 -25.08
CA ALA A 118 4.71 -30.43 -25.92
C ALA A 118 4.95 -31.24 -27.18
N GLU A 119 4.17 -32.31 -27.36
CA GLU A 119 4.40 -33.24 -28.46
C GLU A 119 3.84 -32.68 -29.76
N LYS A 120 4.06 -33.43 -30.84
CA LYS A 120 3.63 -33.04 -32.17
C LYS A 120 2.15 -33.36 -32.37
N GLY A 121 1.67 -33.11 -33.58
CA GLY A 121 0.28 -33.34 -33.93
C GLY A 121 0.05 -33.36 -35.43
N GLN A 122 -1.04 -32.75 -35.88
CA GLN A 122 -1.40 -32.73 -37.29
C GLN A 122 -1.61 -31.30 -37.77
N VAL A 123 -1.40 -31.09 -39.06
CA VAL A 123 -1.51 -29.78 -39.66
C VAL A 123 -2.94 -29.54 -40.15
N GLU A 124 -3.29 -28.26 -40.29
CA GLU A 124 -4.55 -27.85 -40.86
C GLU A 124 -4.28 -26.85 -41.98
N GLN A 125 -5.13 -26.89 -43.01
CA GLN A 125 -4.89 -26.07 -44.18
C GLN A 125 -5.04 -24.58 -43.85
N LEU A 126 -4.59 -23.75 -44.79
CA LEU A 126 -4.78 -22.31 -44.66
C LEU A 126 -6.28 -22.01 -44.51
N THR A 127 -6.60 -21.18 -43.54
CA THR A 127 -7.99 -20.95 -43.14
C THR A 127 -8.20 -19.45 -42.88
N GLU A 128 -8.65 -18.74 -43.93
CA GLU A 128 -8.88 -17.30 -43.87
C GLU A 128 -10.23 -16.99 -44.52
N PRO A 129 -11.10 -16.24 -43.84
CA PRO A 129 -12.38 -15.89 -44.46
C PRO A 129 -12.19 -15.05 -45.71
N LYS A 130 -13.02 -15.30 -46.70
CA LYS A 130 -12.95 -14.61 -47.99
C LYS A 130 -14.17 -13.72 -48.13
N VAL A 131 -13.94 -12.43 -48.35
CA VAL A 131 -15.02 -11.46 -48.50
C VAL A 131 -14.46 -10.21 -49.14
N ASN A 132 -15.34 -9.42 -49.75
CA ASN A 132 -14.96 -8.13 -50.30
C ASN A 132 -15.23 -7.03 -49.28
N LEU A 133 -14.19 -6.25 -48.97
CA LEU A 133 -14.28 -5.13 -48.06
C LEU A 133 -13.87 -3.89 -48.83
N ALA A 134 -14.85 -3.15 -49.34
CA ALA A 134 -14.57 -2.06 -50.28
C ALA A 134 -13.73 -0.97 -49.64
N VAL A 135 -14.02 -0.61 -48.40
CA VAL A 135 -13.29 0.45 -47.70
C VAL A 135 -12.06 -0.16 -47.04
N ASN A 136 -10.90 0.44 -47.28
CA ASN A 136 -9.65 -0.09 -46.78
C ASN A 136 -8.64 1.05 -46.64
N PHE A 137 -7.75 0.92 -45.67
CA PHE A 137 -6.76 1.95 -45.40
C PHE A 137 -5.72 1.42 -44.42
N THR A 138 -4.48 1.88 -44.59
CA THR A 138 -3.41 1.59 -43.66
C THR A 138 -3.03 2.89 -42.96
N THR A 139 -3.06 2.88 -41.63
CA THR A 139 -2.84 4.10 -40.85
C THR A 139 -1.73 3.90 -39.83
N ASP A 140 -1.59 4.86 -38.93
CA ASP A 140 -0.54 4.81 -37.91
C ASP A 140 -0.92 3.75 -36.88
N GLU A 141 -0.11 3.65 -35.83
CA GLU A 141 -0.29 2.63 -34.79
C GLU A 141 -0.90 3.17 -33.52
N SER A 142 -0.48 4.36 -33.09
CA SER A 142 -1.05 4.94 -31.88
C SER A 142 -2.48 5.39 -32.07
N VAL A 143 -2.91 5.62 -33.32
CA VAL A 143 -4.26 6.10 -33.56
C VAL A 143 -5.29 5.09 -33.07
N LEU A 144 -5.06 3.81 -33.34
CA LEU A 144 -6.01 2.78 -32.92
C LEU A 144 -6.07 2.68 -31.40
N ASN A 145 -4.93 2.72 -30.72
CA ASN A 145 -4.95 2.68 -29.26
C ASN A 145 -5.66 3.89 -28.70
N VAL A 146 -5.47 5.05 -29.34
CA VAL A 146 -6.20 6.25 -28.92
C VAL A 146 -7.70 6.02 -29.05
N ILE A 147 -8.14 5.42 -30.16
CA ILE A 147 -9.56 5.15 -30.33
C ILE A 147 -10.05 4.22 -29.23
N ALA A 148 -9.26 3.19 -28.92
CA ALA A 148 -9.66 2.24 -27.89
C ALA A 148 -9.83 2.92 -26.53
N ALA A 149 -8.83 3.68 -26.11
CA ALA A 149 -8.81 4.28 -24.80
C ALA A 149 -9.65 5.56 -24.71
N ASP A 150 -10.21 6.02 -25.83
CA ASP A 150 -11.15 7.11 -25.80
C ASP A 150 -12.59 6.67 -26.04
N VAL A 151 -12.80 5.43 -26.48
CA VAL A 151 -14.16 4.89 -26.60
C VAL A 151 -14.51 3.91 -25.48
N THR A 152 -13.52 3.35 -24.78
CA THR A 152 -13.82 2.42 -23.71
C THR A 152 -14.39 3.10 -22.47
N LEU A 153 -14.38 4.43 -22.41
CA LEU A 153 -14.86 5.17 -21.25
C LEU A 153 -16.18 5.88 -21.52
N VAL A 154 -16.94 5.46 -22.54
CA VAL A 154 -18.27 5.98 -22.81
C VAL A 154 -19.29 4.88 -23.05
N GLY A 155 -18.91 3.63 -22.99
CA GLY A 155 -19.85 2.55 -23.17
C GLY A 155 -19.15 1.33 -23.79
N GLU A 156 -19.87 0.65 -24.69
CA GLU A 156 -19.33 -0.52 -25.38
C GLU A 156 -19.57 -0.52 -26.88
N GLU A 157 -20.52 0.26 -27.40
CA GLU A 157 -20.75 0.29 -28.84
C GLU A 157 -19.54 0.86 -29.57
N MET A 158 -19.46 0.56 -30.87
CA MET A 158 -18.42 1.10 -31.73
C MET A 158 -18.98 1.16 -33.14
N ARG A 159 -19.44 2.33 -33.54
CA ARG A 159 -20.09 2.53 -34.83
C ARG A 159 -19.30 3.54 -35.65
N ILE A 160 -19.13 3.22 -36.93
CA ILE A 160 -18.32 4.04 -37.84
C ILE A 160 -19.21 4.47 -39.01
N SER A 161 -19.21 5.77 -39.29
CA SER A 161 -19.96 6.33 -40.42
C SER A 161 -18.97 7.15 -41.25
N THR A 162 -18.52 6.58 -42.36
CA THR A 162 -17.60 7.24 -43.26
C THR A 162 -18.31 7.90 -44.44
N GLU A 163 -19.53 8.39 -44.20
CA GLU A 163 -20.35 8.89 -45.29
C GLU A 163 -19.67 10.06 -46.00
N GLU A 164 -19.90 10.14 -47.31
CA GLU A 164 -19.27 11.14 -48.18
C GLU A 164 -17.75 11.06 -48.08
N ASP A 165 -17.24 9.84 -47.91
CA ASP A 165 -15.81 9.56 -47.75
C ASP A 165 -15.21 10.25 -46.55
N LYS A 166 -16.02 10.86 -45.69
CA LYS A 166 -15.56 11.56 -44.52
C LYS A 166 -15.83 10.68 -43.31
N ILE A 167 -14.75 10.19 -42.71
CA ILE A 167 -14.86 9.21 -41.63
C ILE A 167 -15.34 9.90 -40.37
N LYS A 168 -16.37 9.34 -39.75
CA LYS A 168 -16.87 9.81 -38.46
C LYS A 168 -17.05 8.62 -37.54
N ILE A 169 -16.60 8.77 -36.29
CA ILE A 169 -16.75 7.74 -35.27
C ILE A 169 -17.75 8.25 -34.24
N GLU A 170 -18.80 7.45 -34.02
CA GLU A 170 -19.85 7.79 -33.07
C GLU A 170 -20.20 6.53 -32.30
N ALA A 171 -20.05 6.58 -30.98
CA ALA A 171 -20.21 5.39 -30.15
C ALA A 171 -20.61 5.83 -28.75
N GLY A 172 -20.52 4.91 -27.79
CA GLY A 172 -20.91 5.21 -26.43
C GLY A 172 -22.42 5.28 -26.28
N GLU A 173 -22.86 5.98 -25.25
CA GLU A 173 -24.28 6.15 -24.98
C GLU A 173 -24.73 7.53 -25.45
N GLU A 174 -26.03 7.79 -25.31
CA GLU A 174 -26.60 9.01 -25.87
C GLU A 174 -26.04 10.26 -25.20
N GLY A 175 -25.87 10.22 -23.89
CA GLY A 175 -25.32 11.35 -23.17
C GLY A 175 -23.83 11.54 -23.38
N LYS A 176 -23.04 10.56 -22.95
CA LYS A 176 -21.58 10.62 -23.06
C LYS A 176 -21.18 10.32 -24.51
N ARG A 177 -21.40 11.31 -25.37
CA ARG A 177 -21.18 11.16 -26.80
C ARG A 177 -19.70 11.23 -27.15
N TYR A 178 -19.41 10.92 -28.41
CA TYR A 178 -18.05 10.98 -28.96
C TYR A 178 -18.16 11.39 -30.41
N VAL A 179 -17.44 12.44 -30.78
CA VAL A 179 -17.36 12.90 -32.16
C VAL A 179 -15.89 12.97 -32.54
N ALA A 180 -15.52 12.28 -33.62
CA ALA A 180 -14.15 12.32 -34.11
C ALA A 180 -14.18 12.13 -35.62
N PHE A 181 -13.16 12.66 -36.29
CA PHE A 181 -13.10 12.65 -37.74
C PHE A 181 -11.75 12.10 -38.20
N LEU A 182 -11.77 11.49 -39.40
CA LEU A 182 -10.57 11.01 -40.06
C LEU A 182 -10.67 11.42 -41.52
N MET A 183 -9.99 12.50 -41.88
CA MET A 183 -9.98 12.99 -43.25
C MET A 183 -8.91 12.25 -44.04
N LYS A 184 -8.60 12.75 -45.24
CA LYS A 184 -7.63 12.11 -46.11
C LYS A 184 -6.23 12.34 -45.56
N ASP A 185 -5.74 11.37 -44.79
CA ASP A 185 -4.35 11.31 -44.31
C ASP A 185 -3.96 12.47 -43.41
N LYS A 186 -4.94 13.23 -42.89
CA LYS A 186 -4.58 14.27 -41.93
C LYS A 186 -3.98 13.67 -40.66
N PRO A 187 -4.62 12.70 -39.98
CA PRO A 187 -3.88 11.90 -39.00
C PRO A 187 -3.44 10.56 -39.56
N LEU A 188 -3.89 10.24 -40.77
CA LEU A 188 -3.63 8.95 -41.39
C LEU A 188 -2.38 9.02 -42.27
N LYS A 189 -2.06 7.89 -42.90
CA LYS A 189 -1.02 7.82 -43.91
C LYS A 189 -1.53 7.40 -45.28
N GLU A 190 -2.38 6.38 -45.35
CA GLU A 190 -3.03 5.97 -46.57
C GLU A 190 -4.50 5.75 -46.32
N LEU A 191 -5.34 6.24 -47.23
CA LEU A 191 -6.79 6.12 -47.12
C LEU A 191 -7.37 5.73 -48.47
N SER A 192 -8.38 4.87 -48.46
CA SER A 192 -9.09 4.48 -49.67
C SER A 192 -10.55 4.25 -49.32
N ILE A 193 -11.44 5.02 -49.96
CA ILE A 193 -12.87 4.95 -49.72
C ILE A 193 -13.54 4.42 -50.98
N ASP A 194 -14.40 3.43 -50.82
CA ASP A 194 -15.11 2.87 -51.96
C ASP A 194 -16.61 2.82 -51.71
N THR A 195 -17.02 2.68 -50.45
CA THR A 195 -18.43 2.59 -50.10
C THR A 195 -18.69 3.32 -48.79
N SER A 196 -19.95 3.72 -48.60
CA SER A 196 -20.41 4.36 -47.36
C SER A 196 -21.27 3.36 -46.59
N ALA A 197 -20.95 3.16 -45.32
CA ALA A 197 -21.62 2.12 -44.54
C ALA A 197 -21.45 2.40 -43.05
N SER A 198 -22.19 1.64 -42.25
CA SER A 198 -22.08 1.66 -40.80
C SER A 198 -21.50 0.34 -40.32
N SER A 199 -20.87 0.37 -39.14
CA SER A 199 -20.12 -0.78 -38.65
C SER A 199 -20.78 -1.45 -37.44
N SER A 200 -20.98 -0.71 -36.34
CA SER A 200 -21.57 -1.24 -35.12
C SER A 200 -20.82 -2.48 -34.64
N TYR A 201 -19.55 -2.28 -34.29
CA TYR A 201 -18.69 -3.36 -33.84
C TYR A 201 -18.55 -3.35 -32.32
N SER A 202 -17.94 -4.42 -31.79
CA SER A 202 -17.73 -4.54 -30.35
C SER A 202 -16.43 -3.84 -29.97
N ALA A 203 -16.52 -2.85 -29.09
CA ALA A 203 -15.38 -1.99 -28.79
C ALA A 203 -14.45 -2.59 -27.73
N GLU A 204 -14.98 -3.39 -26.81
CA GLU A 204 -14.10 -4.08 -25.87
C GLU A 204 -13.12 -4.97 -26.60
N MET A 205 -13.60 -5.74 -27.57
CA MET A 205 -12.72 -6.51 -28.42
C MET A 205 -11.86 -5.63 -29.31
N PHE A 206 -12.31 -4.40 -29.59
CA PHE A 206 -11.46 -3.46 -30.32
C PHE A 206 -10.20 -3.15 -29.51
N LYS A 207 -10.37 -2.79 -28.24
CA LYS A 207 -9.21 -2.56 -27.39
C LYS A 207 -8.40 -3.83 -27.23
N ASP A 208 -9.06 -4.97 -27.09
CA ASP A 208 -8.35 -6.24 -26.98
C ASP A 208 -7.46 -6.47 -28.19
N ALA A 209 -7.97 -6.19 -29.39
CA ALA A 209 -7.19 -6.39 -30.61
C ALA A 209 -6.05 -5.40 -30.70
N VAL A 210 -6.33 -4.11 -30.45
CA VAL A 210 -5.29 -3.10 -30.53
C VAL A 210 -4.23 -3.27 -29.45
N LYS A 211 -4.50 -4.08 -28.43
CA LYS A 211 -3.47 -4.39 -27.45
C LYS A 211 -2.24 -5.01 -28.09
N GLY A 212 -2.42 -5.66 -29.24
CA GLY A 212 -1.32 -6.36 -29.87
C GLY A 212 -0.58 -5.56 -30.93
N LEU A 213 -0.72 -4.24 -30.90
CA LEU A 213 -0.05 -3.37 -31.85
C LEU A 213 1.00 -2.49 -31.17
N ARG A 214 1.73 -3.06 -30.22
CA ARG A 214 2.88 -2.42 -29.60
C ARG A 214 4.14 -3.11 -30.08
N GLY A 215 4.98 -2.38 -30.81
CA GLY A 215 6.23 -2.94 -31.30
C GLY A 215 6.31 -3.02 -32.81
N PHE A 216 5.19 -3.35 -33.45
CA PHE A 216 5.16 -3.52 -34.90
C PHE A 216 5.25 -2.14 -35.54
N SER A 217 6.48 -1.65 -35.66
CA SER A 217 6.71 -0.33 -36.19
C SER A 217 6.49 -0.31 -37.70
N ALA A 218 5.22 -0.39 -38.12
CA ALA A 218 4.88 -0.35 -39.53
C ALA A 218 3.41 0.01 -39.65
N PRO A 219 3.04 0.88 -40.58
CA PRO A 219 1.62 1.22 -40.76
C PRO A 219 0.81 0.00 -41.18
N THR A 220 -0.10 -0.42 -40.31
CA THR A 220 -0.86 -1.65 -40.52
C THR A 220 -2.11 -1.36 -41.36
N MET A 221 -2.39 -2.27 -42.29
CA MET A 221 -3.53 -2.11 -43.17
C MET A 221 -4.83 -2.48 -42.44
N VAL A 222 -5.91 -1.80 -42.79
CA VAL A 222 -7.22 -2.02 -42.19
C VAL A 222 -8.28 -1.93 -43.27
N SER A 223 -9.29 -2.79 -43.19
CA SER A 223 -10.40 -2.74 -44.12
C SER A 223 -11.65 -3.25 -43.42
N PHE A 224 -12.81 -2.94 -44.01
CA PHE A 224 -14.09 -3.36 -43.45
C PHE A 224 -15.17 -3.25 -44.53
N GLY A 225 -16.38 -3.67 -44.18
CA GLY A 225 -17.53 -3.57 -45.05
C GLY A 225 -18.79 -3.28 -44.26
N GLU A 226 -19.91 -3.18 -44.98
CA GLU A 226 -21.18 -2.86 -44.34
C GLU A 226 -21.61 -3.98 -43.41
N ASN A 227 -21.48 -3.74 -42.10
CA ASN A 227 -21.77 -4.71 -41.05
C ASN A 227 -20.98 -6.00 -41.22
N LEU A 228 -20.00 -6.02 -42.11
CA LEU A 228 -19.16 -7.19 -42.30
C LEU A 228 -18.06 -7.22 -41.24
N PRO A 229 -17.45 -8.38 -41.01
CA PRO A 229 -16.29 -8.41 -40.12
C PRO A 229 -15.19 -7.49 -40.60
N MET A 230 -14.56 -6.80 -39.67
CA MET A 230 -13.53 -5.83 -40.00
C MET A 230 -12.17 -6.51 -40.08
N LYS A 231 -11.36 -6.07 -41.03
CA LYS A 231 -10.06 -6.66 -41.31
C LYS A 231 -8.96 -5.66 -41.01
N ILE A 232 -7.94 -6.09 -40.28
CA ILE A 232 -6.78 -5.28 -39.95
C ILE A 232 -5.54 -6.08 -40.29
N ASP A 233 -4.72 -5.58 -41.21
CA ASP A 233 -3.58 -6.29 -41.74
C ASP A 233 -2.28 -5.68 -41.22
N VAL A 234 -1.39 -6.53 -40.72
CA VAL A 234 -0.12 -6.12 -40.14
C VAL A 234 1.01 -6.81 -40.89
N GLU A 235 2.03 -6.05 -41.28
CA GLU A 235 3.26 -6.59 -41.86
C GLU A 235 4.37 -6.42 -40.83
N ALA A 236 4.87 -7.54 -40.32
CA ALA A 236 5.91 -7.48 -39.30
C ALA A 236 7.19 -6.88 -39.88
N VAL A 237 7.89 -6.12 -39.03
CA VAL A 237 9.11 -5.45 -39.49
C VAL A 237 10.16 -6.48 -39.88
N SER A 238 10.36 -7.48 -39.04
CA SER A 238 11.25 -8.58 -39.42
C SER A 238 10.58 -9.50 -40.43
N GLY A 239 9.30 -9.82 -40.21
CA GLY A 239 8.58 -10.71 -41.11
C GLY A 239 7.55 -11.57 -40.41
N GLY A 240 6.37 -11.68 -40.99
CA GLY A 240 5.28 -12.44 -40.42
C GLY A 240 4.02 -11.64 -40.60
N HIS A 241 2.90 -12.33 -40.82
CA HIS A 241 1.61 -11.68 -41.03
C HIS A 241 0.65 -12.12 -39.93
N MET A 242 -0.01 -11.14 -39.32
CA MET A 242 -1.00 -11.40 -38.28
C MET A 242 -2.12 -10.39 -38.45
N ILE A 243 -3.33 -10.88 -38.72
CA ILE A 243 -4.44 -10.00 -39.09
C ILE A 243 -5.53 -10.04 -38.02
N PHE A 244 -6.56 -9.22 -38.21
CA PHE A 244 -7.66 -9.10 -37.26
C PHE A 244 -8.99 -9.34 -37.97
N TRP A 245 -9.92 -9.98 -37.26
CA TRP A 245 -11.27 -10.22 -37.78
C TRP A 245 -12.25 -9.90 -36.65
N ILE A 246 -12.79 -8.69 -36.67
CA ILE A 246 -13.82 -8.26 -35.72
C ILE A 246 -15.15 -8.85 -36.19
N ALA A 247 -15.54 -9.98 -35.61
CA ALA A 247 -16.79 -10.59 -36.00
C ALA A 247 -17.96 -9.82 -35.41
N PRO A 248 -18.86 -9.29 -36.22
CA PRO A 248 -19.98 -8.50 -35.67
C PRO A 248 -20.99 -9.36 -34.92
N ARG A 249 -22.02 -8.72 -34.39
CA ARG A 249 -23.09 -9.39 -33.65
C ARG A 249 -24.45 -8.99 -34.20
N LEU A 250 -24.57 -9.00 -35.53
CA LEU A 250 -25.82 -8.69 -36.25
C LEU A 250 -26.16 -7.22 -35.99
N LEU A 251 -27.43 -6.89 -35.72
CA LEU A 251 -27.86 -5.52 -35.49
C LEU A 251 -28.49 -5.36 -34.11
N GLU A 252 -28.00 -6.12 -33.13
CA GLU A 252 -28.55 -6.11 -31.78
C GLU A 252 -28.36 -4.75 -31.11
N MET B 1 -21.23 30.13 -24.74
CA MET B 1 -19.82 30.44 -24.57
C MET B 1 -18.96 29.40 -25.28
N LYS B 2 -17.86 29.86 -25.89
CA LYS B 2 -16.92 28.98 -26.57
C LYS B 2 -15.52 29.28 -26.06
N ALA B 3 -14.79 28.24 -25.69
CA ALA B 3 -13.45 28.37 -25.15
C ALA B 3 -12.45 27.66 -26.06
N LYS B 4 -11.21 28.14 -26.04
CA LYS B 4 -10.12 27.47 -26.76
C LYS B 4 -8.81 27.83 -26.05
N VAL B 5 -8.34 26.92 -25.20
CA VAL B 5 -7.12 27.15 -24.42
C VAL B 5 -5.92 26.61 -25.18
N ILE B 6 -4.89 27.44 -25.33
CA ILE B 6 -3.69 27.03 -26.03
C ILE B 6 -2.90 25.96 -25.29
N ASP B 7 -3.32 25.61 -24.08
CA ASP B 7 -2.61 24.60 -23.28
C ASP B 7 -3.65 23.61 -22.75
N ALA B 8 -3.88 22.54 -23.53
CA ALA B 8 -4.72 21.45 -23.05
C ALA B 8 -4.05 20.63 -21.97
N VAL B 9 -2.76 20.82 -21.75
CA VAL B 9 -2.05 20.09 -20.70
C VAL B 9 -2.20 20.77 -19.35
N SER B 10 -1.83 22.05 -19.27
CA SER B 10 -1.73 22.71 -17.98
C SER B 10 -3.11 22.94 -17.35
N PHE B 11 -4.09 23.34 -18.16
CA PHE B 11 -5.43 23.55 -17.62
C PHE B 11 -6.01 22.25 -17.09
N SER B 12 -5.84 21.15 -17.83
CA SER B 12 -6.26 19.86 -17.33
C SER B 12 -5.49 19.51 -16.07
N TYR B 13 -4.21 19.83 -16.02
CA TYR B 13 -3.41 19.53 -14.84
C TYR B 13 -3.93 20.26 -13.62
N ILE B 14 -4.23 21.54 -13.77
CA ILE B 14 -4.68 22.32 -12.62
C ILE B 14 -6.07 21.86 -12.18
N LEU B 15 -6.96 21.59 -13.12
CA LEU B 15 -8.28 21.10 -12.71
C LEU B 15 -8.16 19.74 -12.03
N ARG B 16 -7.29 18.87 -12.54
CA ARG B 16 -7.10 17.57 -11.90
C ARG B 16 -6.52 17.69 -10.50
N THR B 17 -5.53 18.55 -10.32
CA THR B 17 -4.92 18.69 -9.01
C THR B 17 -5.80 19.47 -8.04
N VAL B 18 -6.78 20.24 -8.55
CA VAL B 18 -7.75 20.84 -7.65
C VAL B 18 -8.91 19.88 -7.37
N GLY B 19 -9.06 18.85 -8.19
CA GLY B 19 -10.06 17.83 -7.93
C GLY B 19 -9.61 16.80 -6.93
N ASP B 20 -8.78 17.23 -5.97
CA ASP B 20 -8.38 16.38 -4.87
C ASP B 20 -8.67 17.02 -3.52
N PHE B 21 -9.20 18.24 -3.50
CA PHE B 21 -9.71 18.86 -2.29
C PHE B 21 -11.21 19.05 -2.30
N LEU B 22 -11.81 19.21 -3.49
CA LEU B 22 -13.26 19.33 -3.61
C LEU B 22 -13.87 17.98 -3.92
N SER B 23 -15.19 18.01 -4.15
CA SER B 23 -15.89 16.90 -4.80
C SER B 23 -16.92 17.43 -5.78
N GLU B 24 -16.99 18.74 -5.98
CA GLU B 24 -17.93 19.39 -6.88
C GLU B 24 -17.52 20.86 -6.99
N ALA B 25 -17.86 21.47 -8.12
CA ALA B 25 -17.54 22.87 -8.34
C ALA B 25 -18.46 23.43 -9.41
N ASN B 26 -18.44 24.75 -9.55
CA ASN B 26 -19.32 25.45 -10.47
C ASN B 26 -18.52 26.46 -11.27
N PHE B 27 -19.00 26.76 -12.48
CA PHE B 27 -18.39 27.75 -13.35
C PHE B 27 -19.34 28.93 -13.50
N ILE B 28 -18.88 30.11 -13.16
CA ILE B 28 -19.70 31.32 -13.27
C ILE B 28 -19.22 32.11 -14.47
N VAL B 29 -19.81 31.87 -15.64
CA VAL B 29 -19.40 32.59 -16.83
C VAL B 29 -19.91 34.02 -16.76
N THR B 30 -19.00 34.98 -16.92
CA THR B 30 -19.31 36.39 -16.79
C THR B 30 -18.57 37.15 -17.89
N LYS B 31 -18.50 38.47 -17.73
CA LYS B 31 -17.95 39.32 -18.78
C LYS B 31 -16.43 39.13 -18.91
N GLU B 32 -15.72 39.12 -17.79
CA GLU B 32 -14.26 39.15 -17.83
C GLU B 32 -13.60 37.93 -17.21
N GLY B 33 -14.33 37.10 -16.46
CA GLY B 33 -13.72 35.95 -15.84
C GLY B 33 -14.68 34.93 -15.29
N ILE B 34 -14.45 33.67 -15.62
CA ILE B 34 -15.25 32.56 -15.09
C ILE B 34 -14.53 32.00 -13.88
N ARG B 35 -15.17 32.06 -12.74
CA ARG B 35 -14.53 31.73 -11.47
C ARG B 35 -14.90 30.33 -11.01
N VAL B 36 -14.02 29.77 -10.19
CA VAL B 36 -14.24 28.46 -9.56
C VAL B 36 -13.91 28.63 -8.09
N SER B 37 -14.94 28.89 -7.28
CA SER B 37 -14.78 29.15 -5.84
C SER B 37 -15.59 28.11 -5.07
N GLY B 38 -14.94 27.03 -4.66
CA GLY B 38 -15.60 25.99 -3.90
C GLY B 38 -15.09 25.89 -2.48
N ILE B 39 -15.82 25.19 -1.62
CA ILE B 39 -15.46 25.04 -0.21
C ILE B 39 -15.29 23.55 0.09
N ASP B 40 -14.19 23.21 0.75
CA ASP B 40 -13.87 21.83 0.99
C ASP B 40 -14.85 21.20 1.98
N PRO B 41 -15.11 19.89 1.87
CA PRO B 41 -16.01 19.24 2.82
C PRO B 41 -15.54 19.31 4.26
N SER B 42 -14.23 19.28 4.48
CA SER B 42 -13.71 19.34 5.84
C SER B 42 -13.85 20.72 6.47
N ARG B 43 -14.26 21.72 5.68
CA ARG B 43 -14.31 23.12 6.13
C ARG B 43 -12.96 23.54 6.70
N VAL B 44 -11.90 23.09 6.05
CA VAL B 44 -10.53 23.36 6.47
C VAL B 44 -9.82 24.29 5.51
N VAL B 45 -9.84 23.97 4.22
CA VAL B 45 -9.12 24.75 3.22
C VAL B 45 -10.09 25.17 2.13
N PHE B 46 -10.31 26.48 2.01
CA PHE B 46 -11.13 27.03 0.95
C PHE B 46 -10.24 27.40 -0.23
N LEU B 47 -10.74 27.14 -1.44
CA LEU B 47 -9.99 27.45 -2.65
C LEU B 47 -10.88 28.12 -3.68
N ASP B 48 -10.32 29.11 -4.35
CA ASP B 48 -10.98 29.86 -5.42
C ASP B 48 -10.08 29.89 -6.64
N ILE B 49 -10.67 29.68 -7.81
CA ILE B 49 -9.93 29.67 -9.07
C ILE B 49 -10.57 30.68 -10.02
N PHE B 50 -9.77 31.64 -10.49
CA PHE B 50 -10.22 32.66 -11.41
C PHE B 50 -9.44 32.59 -12.70
N LEU B 51 -10.09 32.93 -13.81
CA LEU B 51 -9.45 32.95 -15.10
C LEU B 51 -9.75 34.27 -15.81
N PRO B 52 -8.80 34.75 -16.61
CA PRO B 52 -9.02 36.00 -17.34
C PRO B 52 -9.79 35.82 -18.63
N SER B 53 -9.89 36.90 -19.42
CA SER B 53 -10.46 36.84 -20.75
C SER B 53 -9.40 36.65 -21.83
N SER B 54 -8.15 36.41 -21.44
CA SER B 54 -7.08 36.20 -22.40
C SER B 54 -6.32 34.90 -22.21
N TYR B 55 -6.66 34.09 -21.21
CA TYR B 55 -6.03 32.78 -21.04
C TYR B 55 -6.19 31.93 -22.28
N PHE B 56 -7.32 32.08 -22.97
CA PHE B 56 -7.71 31.21 -24.05
C PHE B 56 -7.94 32.05 -25.30
N GLU B 57 -7.08 31.87 -26.31
CA GLU B 57 -7.26 32.57 -27.56
C GLU B 57 -8.51 32.10 -28.28
N GLY B 58 -9.11 32.99 -29.06
CA GLY B 58 -10.34 32.64 -29.77
C GLY B 58 -11.52 32.41 -28.87
N PHE B 59 -11.47 32.93 -27.65
CA PHE B 59 -12.57 32.76 -26.71
C PHE B 59 -13.80 33.54 -27.16
N GLU B 60 -14.97 33.00 -26.86
CA GLU B 60 -16.25 33.62 -27.18
C GLU B 60 -17.05 33.83 -25.91
N VAL B 61 -17.67 35.00 -25.80
CA VAL B 61 -18.54 35.34 -24.67
C VAL B 61 -19.97 35.38 -25.20
N SER B 62 -20.84 34.57 -24.60
CA SER B 62 -22.22 34.48 -25.04
C SER B 62 -23.19 35.19 -24.09
N GLN B 63 -23.18 34.83 -22.80
CA GLN B 63 -24.09 35.42 -21.84
C GLN B 63 -23.33 35.77 -20.57
N GLU B 64 -23.85 36.76 -19.84
CA GLU B 64 -23.16 37.31 -18.69
C GLU B 64 -23.35 36.48 -17.42
N LYS B 65 -24.32 35.58 -17.39
CA LYS B 65 -24.62 34.83 -16.17
C LYS B 65 -24.83 33.35 -16.49
N GLU B 66 -23.93 32.78 -17.28
CA GLU B 66 -23.94 31.33 -17.50
C GLU B 66 -23.31 30.65 -16.30
N ILE B 67 -24.08 29.80 -15.62
CA ILE B 67 -23.65 29.14 -14.40
C ILE B 67 -23.75 27.65 -14.62
N ILE B 68 -22.61 26.96 -14.57
CA ILE B 68 -22.57 25.53 -14.86
C ILE B 68 -21.66 24.84 -13.84
N GLY B 69 -22.16 23.76 -13.25
CA GLY B 69 -21.36 22.86 -12.46
C GLY B 69 -20.95 21.64 -13.25
N PHE B 70 -20.66 20.56 -12.53
CA PHE B 70 -20.24 19.30 -13.14
C PHE B 70 -20.15 18.25 -12.05
N LYS B 71 -19.77 17.04 -12.45
CA LYS B 71 -19.36 15.98 -11.54
C LYS B 71 -17.85 15.85 -11.64
N LEU B 72 -17.17 15.85 -10.50
CA LEU B 72 -15.71 15.95 -10.51
C LEU B 72 -15.06 14.79 -11.25
N GLU B 73 -15.52 13.57 -10.95
CA GLU B 73 -14.85 12.39 -11.49
C GLU B 73 -14.94 12.33 -13.01
N ASP B 74 -16.09 12.68 -13.58
CA ASP B 74 -16.25 12.61 -15.02
C ASP B 74 -15.25 13.50 -15.74
N VAL B 75 -15.20 14.78 -15.36
CA VAL B 75 -14.27 15.71 -16.01
C VAL B 75 -12.84 15.30 -15.75
N ASN B 76 -12.52 14.91 -14.51
CA ASN B 76 -11.16 14.54 -14.19
C ASN B 76 -10.68 13.36 -15.04
N ASP B 77 -11.52 12.32 -15.14
CA ASP B 77 -11.11 11.14 -15.89
C ASP B 77 -11.06 11.41 -17.39
N ILE B 78 -12.02 12.17 -17.92
CA ILE B 78 -12.02 12.47 -19.35
C ILE B 78 -10.76 13.27 -19.70
N LEU B 79 -10.44 14.29 -18.91
CA LEU B 79 -9.28 15.11 -19.21
C LEU B 79 -7.98 14.47 -18.72
N LYS B 80 -8.04 13.32 -18.06
CA LYS B 80 -6.86 12.50 -17.94
C LYS B 80 -6.46 11.91 -19.29
N ARG B 81 -7.39 11.89 -20.25
CA ARG B 81 -7.12 11.39 -21.60
C ARG B 81 -6.83 12.54 -22.57
N VAL B 82 -5.74 13.24 -22.31
CA VAL B 82 -5.27 14.33 -23.18
C VAL B 82 -3.84 14.00 -23.61
N LEU B 83 -3.56 14.23 -24.89
CA LEU B 83 -2.37 13.66 -25.52
C LEU B 83 -1.15 14.56 -25.41
N LYS B 84 -1.19 15.75 -25.99
CA LYS B 84 -0.06 16.66 -25.95
C LYS B 84 -0.59 18.08 -26.06
N ASP B 85 0.29 19.02 -26.42
CA ASP B 85 -0.07 20.44 -26.43
C ASP B 85 -1.01 20.70 -27.60
N ASP B 86 -2.22 20.15 -27.50
CA ASP B 86 -3.22 20.29 -28.53
C ASP B 86 -4.16 21.44 -28.19
N THR B 87 -4.59 22.16 -29.23
CA THR B 87 -5.40 23.36 -29.04
C THR B 87 -6.81 22.94 -28.65
N LEU B 88 -6.96 22.61 -27.37
CA LEU B 88 -8.26 22.22 -26.83
C LEU B 88 -9.26 23.35 -26.94
N ILE B 89 -10.47 23.02 -27.39
CA ILE B 89 -11.55 23.99 -27.48
C ILE B 89 -12.74 23.48 -26.68
N LEU B 90 -13.54 24.41 -26.19
CA LEU B 90 -14.75 24.09 -25.44
C LEU B 90 -15.89 24.98 -25.91
N SER B 91 -17.11 24.48 -25.74
CA SER B 91 -18.31 25.25 -26.00
C SER B 91 -19.29 25.03 -24.85
N SER B 92 -20.19 25.99 -24.66
CA SER B 92 -21.13 25.94 -23.56
C SER B 92 -22.52 25.57 -24.08
N ASN B 93 -23.10 24.53 -23.49
CA ASN B 93 -24.48 24.14 -23.75
C ASN B 93 -25.31 24.40 -22.50
N GLU B 94 -26.54 24.90 -22.71
CA GLU B 94 -27.37 25.31 -21.58
C GLU B 94 -27.71 24.15 -20.64
N SER B 95 -27.64 22.91 -21.12
CA SER B 95 -28.01 21.76 -20.30
C SER B 95 -26.93 20.71 -20.19
N LYS B 96 -25.76 20.92 -20.80
CA LYS B 96 -24.71 19.93 -20.78
C LYS B 96 -23.37 20.61 -21.01
N LEU B 97 -22.31 19.89 -20.70
CA LEU B 97 -20.95 20.34 -20.96
C LEU B 97 -20.46 19.72 -22.26
N THR B 98 -19.90 20.55 -23.13
CA THR B 98 -19.40 20.11 -24.43
C THR B 98 -17.89 20.30 -24.49
N LEU B 99 -17.18 19.22 -24.80
CA LEU B 99 -15.74 19.24 -24.98
C LEU B 99 -15.40 18.82 -26.40
N THR B 100 -14.33 19.39 -26.95
CA THR B 100 -13.91 19.08 -28.30
C THR B 100 -12.40 19.34 -28.40
N PHE B 101 -11.61 18.27 -28.34
CA PHE B 101 -10.18 18.41 -28.53
C PHE B 101 -9.87 18.76 -29.98
N ASP B 102 -8.72 19.41 -30.18
CA ASP B 102 -8.26 19.76 -31.52
C ASP B 102 -6.74 19.72 -31.52
N GLY B 103 -6.18 18.65 -32.07
CA GLY B 103 -4.74 18.47 -32.15
C GLY B 103 -4.34 18.02 -33.54
N GLU B 104 -3.66 16.88 -33.62
CA GLU B 104 -3.39 16.25 -34.90
C GLU B 104 -4.66 15.75 -35.58
N PHE B 105 -5.78 15.72 -34.87
CA PHE B 105 -7.07 15.34 -35.41
C PHE B 105 -8.13 16.11 -34.65
N THR B 106 -9.39 15.68 -34.75
CA THR B 106 -10.49 16.34 -34.07
C THR B 106 -11.20 15.32 -33.20
N ARG B 107 -11.27 15.59 -31.90
CA ARG B 107 -11.99 14.78 -30.93
C ARG B 107 -13.23 15.53 -30.46
N SER B 108 -13.94 14.93 -29.52
CA SER B 108 -15.04 15.60 -28.83
C SER B 108 -15.51 14.72 -27.68
N PHE B 109 -16.17 15.36 -26.71
CA PHE B 109 -16.78 14.67 -25.58
C PHE B 109 -18.11 15.35 -25.27
N GLU B 110 -18.91 14.70 -24.42
CA GLU B 110 -20.13 15.30 -23.91
C GLU B 110 -20.32 14.89 -22.47
N LEU B 111 -20.73 15.85 -21.64
CA LEU B 111 -21.06 15.61 -20.25
C LEU B 111 -22.29 16.42 -19.87
N PRO B 112 -23.17 15.86 -19.05
CA PRO B 112 -24.38 16.59 -18.66
C PRO B 112 -24.09 17.64 -17.60
N LEU B 113 -25.05 18.56 -17.46
CA LEU B 113 -24.98 19.60 -16.45
C LEU B 113 -25.80 19.17 -15.25
N ILE B 114 -25.16 19.14 -14.08
CA ILE B 114 -25.80 18.74 -12.83
C ILE B 114 -26.07 19.99 -12.01
N GLN B 115 -27.30 20.12 -11.52
CA GLN B 115 -27.70 21.31 -10.78
C GLN B 115 -27.10 21.29 -9.38
N VAL B 116 -26.32 22.33 -9.07
CA VAL B 116 -25.72 22.48 -7.75
C VAL B 116 -25.27 23.93 -7.60
N GLU B 117 -25.40 24.46 -6.39
CA GLU B 117 -24.99 25.83 -6.11
C GLU B 117 -24.85 26.01 -4.61
N SER B 118 -23.67 26.47 -4.19
CA SER B 118 -23.43 26.79 -2.78
C SER B 118 -22.29 27.81 -2.73
N THR B 119 -22.63 29.08 -2.56
CA THR B 119 -21.66 30.16 -2.56
C THR B 119 -21.45 30.64 -1.13
N GLN B 120 -20.36 30.19 -0.52
CA GLN B 120 -19.95 30.65 0.81
C GLN B 120 -18.46 31.01 0.76
N PRO B 121 -18.13 32.18 0.25
CA PRO B 121 -16.73 32.62 0.25
C PRO B 121 -16.38 33.25 1.59
N PRO B 122 -15.48 32.65 2.36
CA PRO B 122 -15.05 33.30 3.61
C PRO B 122 -14.11 34.45 3.32
N SER B 123 -14.59 35.68 3.48
CA SER B 123 -13.76 36.85 3.22
C SER B 123 -12.56 36.84 4.16
N VAL B 124 -11.37 37.11 3.62
CA VAL B 124 -10.15 36.96 4.39
C VAL B 124 -9.63 38.31 4.85
N ASN B 125 -9.19 39.13 3.89
CA ASN B 125 -8.68 40.48 4.15
C ASN B 125 -7.77 40.56 5.36
N LEU B 126 -7.03 39.48 5.64
CA LEU B 126 -6.29 39.39 6.88
C LEU B 126 -4.96 40.12 6.79
N GLU B 127 -4.46 40.54 7.94
CA GLU B 127 -3.19 41.27 8.04
C GLU B 127 -2.10 40.24 8.32
N PHE B 128 -1.64 39.59 7.26
CA PHE B 128 -0.58 38.60 7.39
C PHE B 128 0.76 39.31 7.57
N PRO B 129 1.47 39.08 8.64
CA PRO B 129 2.73 39.80 8.91
C PRO B 129 3.92 39.24 8.13
N PHE B 130 3.71 38.97 6.85
CA PHE B 130 4.78 38.46 6.00
C PHE B 130 4.35 38.53 4.54
N LYS B 131 5.34 38.61 3.66
CA LYS B 131 5.11 38.62 2.22
C LYS B 131 6.43 38.27 1.54
N ALA B 132 6.47 37.15 0.83
CA ALA B 132 7.69 36.71 0.17
C ALA B 132 7.35 35.99 -1.12
N GLN B 133 8.33 35.92 -2.01
CA GLN B 133 8.14 35.40 -3.35
C GLN B 133 9.21 34.37 -3.68
N LEU B 134 8.80 33.31 -4.37
CA LEU B 134 9.72 32.24 -4.78
C LEU B 134 9.14 31.58 -6.02
N LEU B 135 10.01 30.91 -6.76
CA LEU B 135 9.62 30.30 -8.02
C LEU B 135 9.06 28.90 -7.80
N THR B 136 8.20 28.48 -8.73
CA THR B 136 7.38 27.30 -8.52
C THR B 136 8.22 26.05 -8.37
N ILE B 137 9.27 25.90 -9.20
CA ILE B 137 10.04 24.66 -9.22
C ILE B 137 10.71 24.42 -7.87
N THR B 138 11.32 25.45 -7.31
CA THR B 138 11.94 25.31 -6.00
C THR B 138 10.92 24.92 -4.95
N PHE B 139 9.74 25.54 -5.00
CA PHE B 139 8.70 25.24 -4.02
C PHE B 139 8.27 23.78 -4.11
N ALA B 140 8.01 23.30 -5.33
CA ALA B 140 7.59 21.91 -5.48
C ALA B 140 8.67 20.95 -5.01
N ASP B 141 9.92 21.22 -5.40
CA ASP B 141 11.01 20.36 -4.99
C ASP B 141 11.13 20.31 -3.48
N ILE B 142 11.07 21.47 -2.81
CA ILE B 142 11.28 21.49 -1.38
C ILE B 142 10.09 20.90 -0.63
N ILE B 143 8.87 21.08 -1.14
CA ILE B 143 7.70 20.49 -0.47
C ILE B 143 7.76 18.97 -0.56
N ASP B 144 8.00 18.44 -1.75
CA ASP B 144 7.94 16.99 -1.90
C ASP B 144 9.22 16.30 -1.46
N GLU B 145 10.27 17.04 -1.10
CA GLU B 145 11.51 16.39 -0.69
C GLU B 145 11.36 15.73 0.67
N LEU B 146 10.61 16.33 1.58
CA LEU B 146 10.51 15.83 2.95
C LEU B 146 9.07 15.49 3.35
N SER B 147 8.19 15.26 2.38
CA SER B 147 6.80 14.94 2.71
C SER B 147 6.71 13.62 3.45
N ASP B 148 7.45 12.61 3.01
CA ASP B 148 7.26 11.25 3.51
C ASP B 148 8.02 11.03 4.82
N LEU B 149 7.81 11.90 5.80
CA LEU B 149 8.38 11.71 7.14
C LEU B 149 7.36 11.73 8.26
N GLY B 150 6.13 12.17 8.02
CA GLY B 150 5.12 12.25 9.06
C GLY B 150 4.04 13.24 8.74
N GLU B 151 3.66 14.07 9.70
CA GLU B 151 2.68 15.12 9.44
C GLU B 151 3.03 16.46 10.08
N VAL B 152 4.11 16.55 10.83
CA VAL B 152 4.46 17.79 11.52
C VAL B 152 5.10 18.75 10.54
N LEU B 153 4.59 19.98 10.47
CA LEU B 153 5.17 21.01 9.63
C LEU B 153 4.95 22.35 10.30
N ASN B 154 6.03 23.11 10.50
CA ASN B 154 5.97 24.42 11.14
C ASN B 154 6.67 25.43 10.25
N ILE B 155 5.92 26.42 9.77
CA ILE B 155 6.48 27.49 8.93
C ILE B 155 6.87 28.62 9.88
N HIS B 156 8.07 28.51 10.42
CA HIS B 156 8.58 29.56 11.28
C HIS B 156 9.22 30.66 10.43
N SER B 157 9.04 31.90 10.86
CA SER B 157 9.57 33.05 10.15
C SER B 157 10.53 33.84 11.03
N LYS B 158 11.27 34.73 10.40
CA LYS B 158 12.15 35.66 11.08
C LYS B 158 12.04 37.02 10.39
N GLU B 159 12.95 37.92 10.73
CA GLU B 159 12.93 39.27 10.17
C GLU B 159 13.24 39.18 8.68
N ASN B 160 12.22 39.39 7.85
CA ASN B 160 12.36 39.35 6.39
C ASN B 160 12.93 38.01 5.94
N LYS B 161 12.46 36.93 6.56
CA LYS B 161 12.99 35.60 6.29
C LYS B 161 11.86 34.58 6.41
N LEU B 162 11.82 33.65 5.46
CA LEU B 162 10.83 32.57 5.41
C LEU B 162 11.56 31.24 5.42
N TYR B 163 11.25 30.39 6.40
CA TYR B 163 11.96 29.14 6.59
C TYR B 163 10.99 27.99 6.80
N PHE B 164 11.32 26.83 6.22
CA PHE B 164 10.58 25.60 6.43
C PHE B 164 11.33 24.71 7.40
N GLU B 165 10.64 24.22 8.42
CA GLU B 165 11.23 23.25 9.34
C GLU B 165 10.22 22.18 9.67
N VAL B 166 10.65 20.92 9.63
CA VAL B 166 9.82 19.77 9.95
C VAL B 166 10.50 18.98 11.05
N ILE B 167 9.74 18.68 12.11
CA ILE B 167 10.28 18.04 13.31
C ILE B 167 9.60 16.71 13.51
N GLY B 168 10.41 15.66 13.70
CA GLY B 168 9.91 14.36 14.11
C GLY B 168 10.66 13.88 15.34
N ASP B 169 10.13 12.80 15.94
CA ASP B 169 10.73 12.27 17.16
C ASP B 169 12.12 11.72 16.90
N LEU B 170 12.32 11.03 15.78
CA LEU B 170 13.59 10.38 15.49
C LEU B 170 14.51 11.24 14.65
N SER B 171 13.97 12.21 13.91
CA SER B 171 14.79 13.08 13.08
C SER B 171 13.99 14.32 12.74
N THR B 172 14.70 15.35 12.29
CA THR B 172 14.09 16.64 12.00
C THR B 172 14.60 17.15 10.66
N ALA B 173 13.78 18.01 10.06
CA ALA B 173 14.10 18.62 8.77
C ALA B 173 14.16 20.14 8.93
N LYS B 174 15.32 20.71 8.63
CA LYS B 174 15.48 22.15 8.55
C LYS B 174 15.91 22.51 7.13
N VAL B 175 15.19 23.44 6.52
CA VAL B 175 15.46 23.88 5.16
C VAL B 175 15.69 25.39 5.22
N GLU B 176 16.95 25.79 5.27
CA GLU B 176 17.28 27.21 5.20
C GLU B 176 16.81 27.77 3.86
N LEU B 177 16.11 28.90 3.91
CA LEU B 177 15.65 29.57 2.70
C LEU B 177 15.87 31.07 2.86
N SER B 178 17.05 31.54 2.47
CA SER B 178 17.37 32.95 2.43
C SER B 178 17.41 33.41 0.97
N THR B 179 17.18 34.71 0.78
CA THR B 179 17.33 35.28 -0.56
C THR B 179 18.77 35.17 -1.05
N ASP B 180 19.71 34.94 -0.14
CA ASP B 180 21.09 34.64 -0.53
C ASP B 180 21.18 33.33 -1.30
N ASN B 181 20.46 32.31 -0.84
CA ASN B 181 20.67 30.95 -1.37
C ASN B 181 19.68 30.61 -2.49
N GLY B 182 18.39 30.59 -2.19
CA GLY B 182 17.42 30.21 -3.20
C GLY B 182 16.05 30.86 -3.14
N THR B 183 15.85 31.85 -2.27
CA THR B 183 14.52 32.38 -1.99
C THR B 183 14.24 33.67 -2.76
N LEU B 184 14.75 33.76 -3.98
CA LEU B 184 14.51 34.92 -4.83
C LEU B 184 14.88 36.20 -4.10
N LEU B 185 13.92 37.11 -3.98
CA LEU B 185 14.10 38.36 -3.26
C LEU B 185 12.74 38.77 -2.71
N GLU B 186 12.62 40.05 -2.33
CA GLU B 186 11.38 40.60 -1.79
C GLU B 186 10.96 39.85 -0.53
N ALA B 187 11.80 39.94 0.49
CA ALA B 187 11.56 39.30 1.78
C ALA B 187 11.38 40.38 2.84
N SER B 188 10.28 40.29 3.59
CA SER B 188 9.97 41.27 4.62
C SER B 188 9.07 40.60 5.66
N GLY B 189 9.29 40.95 6.92
CA GLY B 189 8.45 40.45 7.98
C GLY B 189 9.22 40.36 9.29
N ALA B 190 8.61 39.65 10.23
CA ALA B 190 9.17 39.48 11.57
C ALA B 190 9.02 38.03 12.01
N ASP B 191 9.56 37.74 13.19
CA ASP B 191 9.59 36.37 13.71
C ASP B 191 8.20 35.95 14.14
N VAL B 192 7.60 35.00 13.42
CA VAL B 192 6.31 34.44 13.74
C VAL B 192 6.42 32.92 13.67
N SER B 193 5.32 32.24 14.02
CA SER B 193 5.30 30.78 13.96
C SER B 193 3.87 30.31 13.70
N SER B 194 3.77 29.10 13.18
CA SER B 194 2.50 28.44 12.87
C SER B 194 2.80 26.98 12.57
N SER B 195 1.76 26.22 12.26
CA SER B 195 1.93 24.81 11.93
C SER B 195 0.78 24.36 11.04
N TYR B 196 1.06 23.38 10.18
CA TYR B 196 0.06 22.86 9.26
C TYR B 196 0.31 21.38 9.03
N GLY B 197 -0.76 20.65 8.75
CA GLY B 197 -0.64 19.23 8.47
C GLY B 197 0.10 18.99 7.16
N MET B 198 0.93 17.96 7.14
CA MET B 198 1.83 17.74 6.01
C MET B 198 1.06 17.48 4.72
N GLU B 199 0.12 16.53 4.74
CA GLU B 199 -0.53 16.12 3.51
C GLU B 199 -1.36 17.25 2.92
N TYR B 200 -1.99 18.05 3.77
CA TYR B 200 -2.88 19.11 3.29
C TYR B 200 -2.14 20.08 2.38
N VAL B 201 -0.94 20.49 2.78
CA VAL B 201 -0.16 21.39 1.93
C VAL B 201 0.75 20.64 0.97
N ALA B 202 0.86 19.31 1.10
CA ALA B 202 1.71 18.54 0.20
C ALA B 202 0.99 18.22 -1.10
N ASN B 203 -0.29 17.84 -1.00
CA ASN B 203 -1.02 17.42 -2.19
C ASN B 203 -1.28 18.57 -3.16
N THR B 204 -1.03 19.81 -2.75
CA THR B 204 -1.20 20.96 -3.64
C THR B 204 0.11 21.37 -4.30
N THR B 205 1.01 20.42 -4.53
CA THR B 205 2.25 20.71 -5.24
C THR B 205 2.15 20.52 -6.74
N LYS B 206 1.11 19.84 -7.21
CA LYS B 206 1.00 19.57 -8.63
C LYS B 206 0.41 20.76 -9.36
N MET B 207 0.98 21.93 -9.14
CA MET B 207 0.62 23.14 -9.87
C MET B 207 1.80 23.66 -10.67
N ARG B 208 2.63 22.75 -11.16
CA ARG B 208 3.86 23.08 -11.87
C ARG B 208 3.70 23.10 -13.38
N ARG B 209 2.49 23.39 -13.88
CA ARG B 209 2.27 23.40 -15.32
C ARG B 209 1.90 24.79 -15.85
N ALA B 210 0.84 25.40 -15.35
CA ALA B 210 0.50 26.76 -15.77
C ALA B 210 1.01 27.73 -14.71
N SER B 211 2.33 27.76 -14.57
CA SER B 211 2.95 28.41 -13.42
C SER B 211 4.02 29.38 -13.88
N ASP B 212 3.98 30.60 -13.36
CA ASP B 212 5.04 31.60 -13.55
C ASP B 212 5.88 31.77 -12.29
N SER B 213 5.24 32.02 -11.16
CA SER B 213 5.89 32.08 -9.85
C SER B 213 4.77 32.07 -8.80
N MET B 214 5.15 32.22 -7.54
CA MET B 214 4.18 32.17 -6.46
C MET B 214 4.64 33.07 -5.33
N GLU B 215 3.67 33.55 -4.54
CA GLU B 215 3.92 34.38 -3.38
C GLU B 215 3.70 33.56 -2.12
N LEU B 216 3.78 34.21 -0.96
CA LEU B 216 3.50 33.52 0.29
C LEU B 216 3.18 34.56 1.35
N TYR B 217 1.94 34.54 1.84
CA TYR B 217 1.50 35.35 2.97
C TYR B 217 1.09 34.44 4.10
N PHE B 218 1.54 34.74 5.32
CA PHE B 218 1.15 33.94 6.47
C PHE B 218 1.50 34.70 7.73
N GLY B 219 1.16 34.09 8.87
CA GLY B 219 1.46 34.66 10.17
C GLY B 219 1.32 33.63 11.28
N SER B 220 0.75 34.03 12.41
CA SER B 220 0.58 33.14 13.55
C SER B 220 -0.91 32.99 13.84
N GLN B 221 -1.38 31.75 13.93
CA GLN B 221 -2.78 31.44 14.20
C GLN B 221 -3.70 32.15 13.22
N ILE B 222 -3.26 32.25 11.97
CA ILE B 222 -3.98 32.96 10.93
C ILE B 222 -3.98 32.08 9.68
N PRO B 223 -5.10 31.98 8.95
CA PRO B 223 -5.14 31.14 7.76
C PRO B 223 -4.01 31.42 6.78
N LEU B 224 -3.21 30.39 6.48
CA LEU B 224 -2.08 30.53 5.60
C LEU B 224 -2.52 30.76 4.16
N LYS B 225 -1.77 31.59 3.44
CA LYS B 225 -2.07 31.92 2.05
C LYS B 225 -1.15 31.15 1.12
N LEU B 226 -1.68 30.80 -0.05
CA LEU B 226 -0.92 30.13 -1.10
C LEU B 226 -1.48 30.60 -2.45
N ARG B 227 -0.84 31.61 -3.01
CA ARG B 227 -1.28 32.22 -4.26
C ARG B 227 -0.47 31.63 -5.41
N PHE B 228 -1.10 30.72 -6.17
CA PHE B 228 -0.44 30.07 -7.30
C PHE B 228 -0.74 30.86 -8.56
N LYS B 229 0.17 31.78 -8.88
CA LYS B 229 0.01 32.63 -10.05
C LYS B 229 0.02 31.79 -11.32
N LEU B 230 -0.76 32.23 -12.30
CA LEU B 230 -0.89 31.56 -13.58
C LEU B 230 -0.64 32.57 -14.69
N PRO B 231 -0.21 32.12 -15.87
CA PRO B 231 0.16 33.06 -16.94
C PRO B 231 -1.01 33.95 -17.31
N GLN B 232 -0.68 35.21 -17.64
CA GLN B 232 -1.65 36.20 -18.12
C GLN B 232 -2.76 36.44 -17.08
N GLU B 233 -2.35 36.99 -15.95
CA GLU B 233 -3.25 37.48 -14.90
C GLU B 233 -4.00 36.36 -14.20
N GLY B 234 -3.56 35.12 -14.35
CA GLY B 234 -4.20 34.01 -13.68
C GLY B 234 -3.54 33.72 -12.34
N TYR B 235 -4.35 33.25 -11.39
CA TYR B 235 -3.83 32.76 -10.12
C TYR B 235 -4.89 31.99 -9.35
N GLY B 236 -4.56 30.79 -8.90
CA GLY B 236 -5.42 30.01 -8.03
C GLY B 236 -4.88 30.09 -6.61
N ASP B 237 -5.78 30.06 -5.63
CA ASP B 237 -5.41 30.23 -4.23
C ASP B 237 -5.82 29.02 -3.42
N PHE B 238 -5.01 28.71 -2.41
CA PHE B 238 -5.21 27.56 -1.52
C PHE B 238 -5.13 28.06 -0.09
N TYR B 239 -6.25 28.53 0.45
CA TYR B 239 -6.29 29.07 1.80
C TYR B 239 -6.46 27.93 2.79
N ILE B 240 -5.37 27.55 3.45
CA ILE B 240 -5.44 26.54 4.50
C ILE B 240 -5.42 27.24 5.85
N ALA B 241 -5.91 26.54 6.87
CA ALA B 241 -5.96 27.12 8.20
C ALA B 241 -5.03 26.36 9.15
N PRO B 242 -4.34 27.07 10.04
CA PRO B 242 -3.41 26.39 10.95
C PRO B 242 -4.14 25.47 11.90
N ARG B 243 -3.44 24.42 12.31
CA ARG B 243 -3.96 23.50 13.30
C ARG B 243 -4.12 24.19 14.64
N MET C 1 36.16 15.44 10.40
CA MET C 1 34.90 14.83 10.79
C MET C 1 33.83 15.03 9.74
N LYS C 2 33.71 16.26 9.24
CA LYS C 2 32.76 16.55 8.18
C LYS C 2 33.12 15.75 6.94
N VAL C 3 32.10 15.28 6.22
CA VAL C 3 32.30 14.49 5.02
C VAL C 3 31.28 14.92 3.97
N VAL C 4 31.76 15.15 2.75
CA VAL C 4 30.91 15.38 1.59
C VAL C 4 31.40 14.49 0.45
N TYR C 5 30.50 13.69 -0.11
CA TYR C 5 30.76 12.98 -1.35
C TYR C 5 30.06 13.71 -2.48
N ASP C 6 30.83 14.05 -3.52
CA ASP C 6 30.27 14.82 -4.63
C ASP C 6 29.09 14.08 -5.27
N ASP C 7 29.04 12.77 -5.12
CA ASP C 7 27.97 11.96 -5.67
C ASP C 7 27.06 11.47 -4.56
N VAL C 8 25.77 11.36 -4.86
CA VAL C 8 24.82 10.70 -3.99
C VAL C 8 24.35 9.37 -4.55
N ARG C 9 24.53 9.12 -5.84
CA ARG C 9 24.01 7.90 -6.45
C ARG C 9 24.71 6.67 -5.87
N VAL C 10 26.02 6.75 -5.66
CA VAL C 10 26.72 5.66 -4.97
C VAL C 10 26.10 5.42 -3.61
N LEU C 11 25.75 6.49 -2.91
CA LEU C 11 25.01 6.35 -1.66
C LEU C 11 23.52 6.22 -1.93
N LYS C 12 23.15 5.34 -2.85
CA LYS C 12 21.81 4.78 -2.93
C LYS C 12 21.84 3.26 -3.02
N ASP C 13 22.80 2.71 -3.74
CA ASP C 13 22.90 1.27 -3.85
C ASP C 13 23.47 0.64 -2.60
N ILE C 14 24.38 1.31 -1.91
CA ILE C 14 24.97 0.73 -0.71
C ILE C 14 24.02 0.94 0.46
N ILE C 15 22.81 1.41 0.16
CA ILE C 15 21.73 1.44 1.12
C ILE C 15 20.61 0.48 0.74
N GLN C 16 20.32 0.34 -0.55
CA GLN C 16 19.37 -0.68 -1.00
C GLN C 16 19.89 -2.08 -0.71
N ALA C 17 21.18 -2.30 -0.92
CA ALA C 17 21.77 -3.57 -0.52
C ALA C 17 21.79 -3.75 0.98
N LEU C 18 21.67 -2.66 1.74
CA LEU C 18 21.71 -2.68 3.19
C LEU C 18 20.35 -2.52 3.84
N ALA C 19 19.37 -2.00 3.10
CA ALA C 19 18.03 -1.82 3.68
C ALA C 19 17.42 -3.15 4.08
N ARG C 20 17.17 -4.03 3.12
CA ARG C 20 16.37 -5.22 3.40
C ARG C 20 17.16 -6.23 4.23
N LEU C 21 18.45 -6.41 3.94
CA LEU C 21 19.19 -7.53 4.51
C LEU C 21 19.27 -7.47 6.02
N VAL C 22 19.12 -6.29 6.61
CA VAL C 22 19.22 -6.15 8.06
C VAL C 22 18.60 -4.82 8.45
N ASP C 23 17.95 -4.79 9.61
CA ASP C 23 17.22 -3.60 10.02
C ASP C 23 18.16 -2.47 10.43
N GLU C 24 19.25 -2.81 11.12
CA GLU C 24 20.16 -1.78 11.62
C GLU C 24 21.59 -2.32 11.61
N ALA C 25 22.54 -1.39 11.55
CA ALA C 25 23.95 -1.73 11.50
C ALA C 25 24.77 -0.56 12.05
N VAL C 26 26.08 -0.72 12.04
CA VAL C 26 27.00 0.25 12.62
C VAL C 26 27.97 0.71 11.53
N LEU C 27 28.09 2.03 11.37
CA LEU C 27 29.05 2.63 10.45
C LEU C 27 30.34 2.89 11.21
N LYS C 28 31.18 1.87 11.30
CA LYS C 28 32.45 1.96 12.04
C LYS C 28 33.42 2.80 11.23
N PHE C 29 33.29 4.11 11.36
CA PHE C 29 34.24 5.02 10.74
C PHE C 29 35.63 4.79 11.34
N LYS C 30 36.63 4.67 10.47
CA LYS C 30 38.00 4.42 10.88
C LYS C 30 38.92 5.48 10.29
N GLN C 31 40.16 5.49 10.80
CA GLN C 31 41.16 6.42 10.32
C GLN C 31 41.68 6.06 8.94
N ASP C 32 41.43 4.84 8.46
CA ASP C 32 41.95 4.36 7.19
C ASP C 32 40.87 4.14 6.14
N SER C 33 39.84 3.34 6.46
CA SER C 33 38.79 3.04 5.52
C SER C 33 37.45 3.13 6.23
N VAL C 34 36.37 2.93 5.48
CA VAL C 34 35.02 2.99 6.00
C VAL C 34 34.58 1.57 6.31
N GLU C 35 34.64 1.19 7.58
CA GLU C 35 34.31 -0.16 8.00
C GLU C 35 32.81 -0.26 8.27
N LEU C 36 32.11 -1.05 7.46
CA LEU C 36 30.67 -1.26 7.58
C LEU C 36 30.42 -2.74 7.38
N VAL C 37 30.13 -3.45 8.47
CA VAL C 37 29.78 -4.87 8.41
C VAL C 37 28.42 -5.04 9.05
N ALA C 38 27.52 -5.74 8.36
CA ALA C 38 26.14 -5.87 8.80
C ALA C 38 25.71 -7.32 8.61
N LEU C 39 25.64 -8.07 9.70
CA LEU C 39 25.05 -9.40 9.67
C LEU C 39 23.53 -9.26 9.52
N ASP C 40 22.84 -10.41 9.52
CA ASP C 40 21.40 -10.43 9.47
C ASP C 40 20.86 -11.21 10.66
N ARG C 41 19.70 -10.77 11.17
CA ARG C 41 19.05 -11.52 12.23
C ARG C 41 18.76 -12.95 11.78
N ALA C 42 18.41 -13.12 10.50
CA ALA C 42 18.17 -14.46 9.98
C ALA C 42 19.41 -15.33 10.00
N HIS C 43 20.59 -14.74 10.02
CA HIS C 43 21.87 -15.46 9.99
C HIS C 43 22.04 -16.28 8.72
N ILE C 44 21.29 -15.93 7.67
CA ILE C 44 21.41 -16.59 6.37
C ILE C 44 21.86 -15.54 5.36
N SER C 45 22.61 -14.54 5.83
CA SER C 45 23.18 -13.55 4.95
C SER C 45 24.35 -12.89 5.65
N LEU C 46 25.22 -12.27 4.87
CA LEU C 46 26.33 -11.51 5.43
C LEU C 46 26.83 -10.57 4.34
N ILE C 47 26.62 -9.27 4.53
CA ILE C 47 27.06 -8.24 3.59
C ILE C 47 28.06 -7.36 4.30
N SER C 48 29.28 -7.29 3.75
CA SER C 48 30.32 -6.43 4.30
C SER C 48 30.79 -5.48 3.21
N VAL C 49 30.96 -4.21 3.56
CA VAL C 49 31.22 -3.15 2.61
C VAL C 49 32.45 -2.37 3.07
N ASN C 50 33.38 -2.15 2.15
CA ASN C 50 34.63 -1.45 2.45
C ASN C 50 34.88 -0.40 1.39
N LEU C 51 34.85 0.87 1.80
CA LEU C 51 35.08 1.99 0.90
C LEU C 51 36.32 2.75 1.35
N PRO C 52 37.32 2.94 0.48
CA PRO C 52 38.45 3.80 0.84
C PRO C 52 38.00 5.23 1.06
N ARG C 53 38.64 5.91 2.02
CA ARG C 53 38.26 7.27 2.40
C ARG C 53 38.88 8.28 1.43
N GLU C 54 38.54 8.10 0.14
CA GLU C 54 39.00 9.01 -0.90
C GLU C 54 37.92 9.40 -1.88
N MET C 55 36.76 8.73 -1.88
CA MET C 55 35.67 9.13 -2.77
C MET C 55 35.17 10.52 -2.41
N PHE C 56 35.10 10.83 -1.11
CA PHE C 56 34.74 12.16 -0.67
C PHE C 56 35.75 13.18 -1.17
N LYS C 57 35.36 14.45 -1.16
CA LYS C 57 36.24 15.53 -1.61
C LYS C 57 37.27 15.83 -0.51
N GLU C 58 38.09 14.83 -0.23
CA GLU C 58 39.22 14.93 0.71
C GLU C 58 38.73 15.34 2.11
N TYR C 59 37.94 14.44 2.70
CA TYR C 59 37.39 14.64 4.03
C TYR C 59 38.01 13.62 4.99
N ASP C 60 38.57 14.13 6.10
CA ASP C 60 39.36 13.34 7.00
C ASP C 60 38.60 13.04 8.28
N VAL C 61 38.96 11.92 8.91
CA VAL C 61 38.32 11.44 10.11
C VAL C 61 39.08 11.96 11.33
N ASN C 62 38.33 12.26 12.39
CA ASN C 62 38.92 12.70 13.65
C ASN C 62 38.98 11.60 14.70
N ASP C 63 37.90 10.85 14.87
CA ASP C 63 37.85 9.74 15.83
C ASP C 63 36.73 8.81 15.41
N GLU C 64 36.67 7.65 16.07
CA GLU C 64 35.63 6.68 15.76
C GLU C 64 34.25 7.26 16.05
N PHE C 65 33.35 7.10 15.10
CA PHE C 65 32.04 7.75 15.13
C PHE C 65 30.99 6.70 14.82
N LYS C 66 29.97 6.59 15.68
CA LYS C 66 28.97 5.53 15.59
C LYS C 66 27.62 6.16 15.31
N PHE C 67 27.30 6.34 14.03
CA PHE C 67 26.00 6.86 13.63
C PHE C 67 25.07 5.69 13.36
N GLY C 68 24.10 5.50 14.24
CA GLY C 68 23.01 4.61 13.95
C GLY C 68 22.08 5.22 12.93
N PHE C 69 21.04 4.48 12.59
CA PHE C 69 20.14 4.90 11.53
C PHE C 69 18.88 4.03 11.61
N ASN C 70 17.94 4.30 10.71
CA ASN C 70 16.88 3.36 10.38
C ASN C 70 16.89 3.15 8.88
N THR C 71 17.00 1.89 8.45
CA THR C 71 17.15 1.57 7.04
C THR C 71 16.10 2.27 6.20
N GLN C 72 14.82 2.00 6.49
CA GLN C 72 13.76 2.62 5.72
C GLN C 72 13.86 4.14 5.79
N TYR C 73 14.11 4.67 6.98
CA TYR C 73 14.31 6.10 7.11
C TYR C 73 15.56 6.56 6.36
N LEU C 74 16.66 5.81 6.50
CA LEU C 74 17.91 6.21 5.86
C LEU C 74 17.71 6.39 4.36
N MET C 75 17.06 5.43 3.73
CA MET C 75 16.78 5.56 2.31
C MET C 75 15.59 6.46 2.02
N LYS C 76 14.84 6.86 3.05
CA LYS C 76 13.64 7.65 2.80
C LYS C 76 13.97 9.01 2.20
N ILE C 77 15.04 9.65 2.69
CA ILE C 77 15.34 11.01 2.27
C ILE C 77 16.44 11.02 1.22
N LEU C 78 17.29 9.99 1.21
CA LEU C 78 18.41 10.00 0.28
C LEU C 78 17.97 9.97 -1.17
N LYS C 79 16.71 9.65 -1.45
CA LYS C 79 16.20 9.60 -2.81
C LYS C 79 15.93 10.98 -3.40
N VAL C 80 16.39 12.05 -2.76
CA VAL C 80 16.02 13.39 -3.21
C VAL C 80 16.70 13.73 -4.53
N ALA C 81 17.99 13.44 -4.65
CA ALA C 81 18.80 13.99 -5.73
C ALA C 81 18.82 13.06 -6.93
N LYS C 82 18.27 13.53 -8.04
CA LYS C 82 18.36 12.84 -9.31
C LYS C 82 19.36 13.47 -10.27
N ARG C 83 19.72 14.73 -10.06
CA ARG C 83 20.74 15.41 -10.84
C ARG C 83 22.09 15.21 -10.17
N LYS C 84 23.10 15.97 -10.61
CA LYS C 84 24.42 15.91 -9.99
C LYS C 84 24.39 16.72 -8.70
N GLU C 85 24.52 16.04 -7.57
CA GLU C 85 24.47 16.73 -6.28
C GLU C 85 25.29 15.97 -5.25
N ALA C 86 25.66 16.70 -4.19
CA ALA C 86 26.44 16.16 -3.08
C ALA C 86 25.67 16.35 -1.77
N ILE C 87 26.31 16.04 -0.65
CA ILE C 87 25.65 16.14 0.64
C ILE C 87 26.72 16.21 1.72
N GLU C 88 26.51 17.12 2.69
CA GLU C 88 27.47 17.35 3.75
C GLU C 88 26.96 16.76 5.06
N ILE C 89 27.79 15.95 5.71
CA ILE C 89 27.46 15.30 6.96
C ILE C 89 28.56 15.63 7.97
N ALA C 90 28.17 16.00 9.18
CA ALA C 90 29.10 16.25 10.25
C ALA C 90 28.35 16.20 11.57
N SER C 91 29.10 16.05 12.66
CA SER C 91 28.49 16.04 13.99
C SER C 91 29.54 16.38 15.03
N GLU C 92 29.07 16.86 16.18
CA GLU C 92 29.95 17.11 17.31
C GLU C 92 29.62 16.24 18.51
N SER C 93 28.39 16.28 19.01
CA SER C 93 28.04 15.49 20.18
C SER C 93 27.82 14.02 19.79
N PRO C 94 28.13 13.09 20.67
CA PRO C 94 27.84 11.68 20.38
C PRO C 94 26.40 11.33 20.74
N ASP C 95 25.49 12.23 20.46
CA ASP C 95 24.05 11.96 20.51
C ASP C 95 23.32 12.46 19.27
N SER C 96 23.72 13.59 18.72
CA SER C 96 23.08 14.19 17.55
C SER C 96 24.03 14.17 16.37
N VAL C 97 23.51 13.78 15.21
CA VAL C 97 24.28 13.72 13.97
C VAL C 97 23.59 14.60 12.94
N ILE C 98 24.36 15.44 12.26
CA ILE C 98 23.83 16.45 11.35
C ILE C 98 24.13 16.01 9.93
N ILE C 99 23.08 15.81 9.13
CA ILE C 99 23.18 15.42 7.73
C ILE C 99 22.50 16.50 6.91
N ASN C 100 23.21 17.04 5.92
CA ASN C 100 22.76 18.22 5.19
C ASN C 100 22.92 18.01 3.70
N ILE C 101 21.78 17.95 2.98
CA ILE C 101 21.81 17.91 1.53
C ILE C 101 22.24 19.27 1.00
N ILE C 102 23.07 19.25 -0.05
CA ILE C 102 23.55 20.49 -0.66
C ILE C 102 23.33 20.46 -2.17
N GLY C 103 23.88 21.46 -2.86
CA GLY C 103 23.66 21.61 -4.28
C GLY C 103 22.49 22.53 -4.56
N SER C 104 21.29 22.06 -4.27
CA SER C 104 20.11 22.92 -4.33
C SER C 104 20.05 23.74 -3.04
N THR C 105 18.90 24.36 -2.79
CA THR C 105 18.67 25.02 -1.51
C THR C 105 18.99 24.08 -0.37
N ASN C 106 19.96 24.48 0.47
CA ASN C 106 20.54 23.56 1.45
C ASN C 106 19.48 22.98 2.37
N ARG C 107 19.52 21.67 2.56
CA ARG C 107 18.57 20.95 3.40
C ARG C 107 19.36 20.16 4.44
N GLU C 108 19.29 20.60 5.69
CA GLU C 108 20.01 19.98 6.78
C GLU C 108 19.05 19.18 7.64
N PHE C 109 19.56 18.11 8.25
CA PHE C 109 18.71 17.21 9.01
C PHE C 109 19.48 16.66 10.19
N ASN C 110 18.86 16.73 11.37
CA ASN C 110 19.42 16.14 12.58
C ASN C 110 18.69 14.83 12.84
N VAL C 111 19.45 13.75 12.96
CA VAL C 111 18.91 12.41 13.10
C VAL C 111 19.36 11.87 14.46
N ARG C 112 18.41 11.31 15.20
CA ARG C 112 18.75 10.71 16.48
C ARG C 112 19.67 9.52 16.27
N ASN C 113 20.72 9.45 17.07
CA ASN C 113 21.67 8.34 17.02
C ASN C 113 21.11 7.19 17.86
N LEU C 114 20.65 6.14 17.18
CA LEU C 114 20.16 4.97 17.87
C LEU C 114 21.34 4.11 18.34
N GLU C 115 21.03 3.14 19.20
CA GLU C 115 22.02 2.19 19.69
C GLU C 115 21.59 0.79 19.30
N VAL C 116 22.49 0.07 18.63
CA VAL C 116 22.29 -1.34 18.28
C VAL C 116 23.55 -2.10 18.66
N SER C 117 23.38 -3.19 19.41
CA SER C 117 24.50 -4.00 19.85
C SER C 117 24.52 -5.31 19.06
N GLU C 118 25.68 -5.65 18.51
CA GLU C 118 25.85 -6.90 17.79
C GLU C 118 27.27 -7.39 18.02
N GLN C 119 27.46 -8.69 17.80
CA GLN C 119 28.75 -9.33 18.02
C GLN C 119 29.60 -9.27 16.76
N GLU C 120 30.92 -9.25 16.96
CA GLU C 120 31.85 -9.25 15.84
C GLU C 120 31.80 -10.58 15.10
N ILE C 121 31.70 -10.52 13.78
CA ILE C 121 31.65 -11.70 12.95
C ILE C 121 33.08 -12.09 12.57
N PRO C 122 33.48 -13.35 12.76
CA PRO C 122 34.84 -13.76 12.39
C PRO C 122 35.09 -13.57 10.90
N GLU C 123 36.34 -13.25 10.57
CA GLU C 123 36.72 -12.98 9.20
C GLU C 123 36.64 -14.27 8.36
N ILE C 124 36.86 -14.12 7.06
CA ILE C 124 36.65 -15.19 6.09
C ILE C 124 37.99 -15.62 5.54
N ASN C 125 38.27 -16.93 5.61
CA ASN C 125 39.46 -17.54 5.03
C ASN C 125 39.09 -18.77 4.22
N LEU C 126 37.92 -18.75 3.59
CA LEU C 126 37.37 -19.92 2.92
C LEU C 126 37.79 -19.91 1.45
N GLN C 127 38.56 -20.93 1.05
CA GLN C 127 38.88 -21.09 -0.37
C GLN C 127 37.65 -21.56 -1.13
N PHE C 128 37.66 -21.33 -2.44
CA PHE C 128 36.55 -21.68 -3.29
C PHE C 128 37.07 -22.34 -4.57
N ASP C 129 36.14 -22.80 -5.40
CA ASP C 129 36.50 -23.55 -6.59
C ASP C 129 36.10 -22.87 -7.89
N ILE C 130 35.22 -21.87 -7.85
CA ILE C 130 34.79 -21.13 -9.03
C ILE C 130 35.29 -19.70 -8.90
N SER C 131 35.87 -19.17 -9.96
CA SER C 131 36.46 -17.85 -9.96
C SER C 131 36.05 -17.08 -11.22
N ALA C 132 34.75 -17.10 -11.50
CA ALA C 132 34.24 -16.48 -12.71
C ALA C 132 34.38 -14.97 -12.66
N THR C 133 34.34 -14.35 -13.85
CA THR C 133 34.37 -12.90 -14.00
C THR C 133 33.35 -12.46 -15.05
N ILE C 134 32.15 -13.03 -14.98
CA ILE C 134 31.15 -12.80 -16.01
C ILE C 134 30.68 -11.34 -15.98
N SER C 135 30.03 -10.93 -17.07
CA SER C 135 29.47 -9.59 -17.14
C SER C 135 28.54 -9.33 -15.97
N SER C 136 28.84 -8.27 -15.21
CA SER C 136 28.06 -7.98 -14.02
C SER C 136 26.61 -7.71 -14.36
N ASP C 137 26.37 -6.93 -15.41
CA ASP C 137 25.00 -6.67 -15.83
C ASP C 137 24.31 -7.91 -16.38
N GLY C 138 25.06 -8.89 -16.89
CA GLY C 138 24.45 -10.13 -17.35
C GLY C 138 23.85 -10.98 -16.24
N PHE C 139 24.35 -10.82 -15.01
CA PHE C 139 23.74 -11.51 -13.88
C PHE C 139 22.30 -11.09 -13.69
N LYS C 140 21.98 -9.84 -14.02
CA LYS C 140 20.59 -9.40 -14.00
C LYS C 140 19.75 -10.25 -14.94
N SER C 141 20.23 -10.44 -16.16
CA SER C 141 19.51 -11.29 -17.10
C SER C 141 19.36 -12.70 -16.56
N ALA C 142 20.44 -13.26 -16.00
CA ALA C 142 20.40 -14.65 -15.54
C ALA C 142 19.39 -14.83 -14.41
N ILE C 143 19.44 -13.96 -13.39
CA ILE C 143 18.55 -14.11 -12.25
C ILE C 143 17.12 -13.81 -12.63
N SER C 144 16.88 -12.69 -13.32
CA SER C 144 15.53 -12.35 -13.69
C SER C 144 14.96 -13.28 -14.75
N GLU C 145 15.79 -14.14 -15.35
CA GLU C 145 15.27 -15.20 -16.21
C GLU C 145 15.04 -16.51 -15.47
N VAL C 146 15.85 -16.83 -14.47
CA VAL C 146 15.73 -18.12 -13.80
C VAL C 146 14.70 -18.05 -12.68
N SER C 147 14.89 -17.16 -11.72
CA SER C 147 14.03 -17.16 -10.54
C SER C 147 12.71 -16.42 -10.76
N THR C 148 12.30 -16.22 -12.01
CA THR C 148 11.02 -15.59 -12.25
C THR C 148 9.85 -16.54 -11.98
N VAL C 149 10.06 -17.84 -12.17
CA VAL C 149 8.96 -18.80 -12.01
C VAL C 149 9.28 -19.76 -10.87
N THR C 150 10.56 -19.99 -10.61
CA THR C 150 10.96 -21.01 -9.68
C THR C 150 10.96 -20.46 -8.26
N ASP C 151 11.45 -21.26 -7.31
CA ASP C 151 11.72 -20.79 -5.97
C ASP C 151 13.02 -21.38 -5.44
N ASN C 152 13.95 -21.68 -6.34
CA ASN C 152 15.24 -22.23 -5.96
C ASN C 152 16.21 -22.14 -7.13
N VAL C 153 17.42 -21.63 -6.87
CA VAL C 153 18.47 -21.55 -7.89
C VAL C 153 19.48 -22.65 -7.62
N VAL C 154 20.04 -23.20 -8.69
CA VAL C 154 21.06 -24.24 -8.60
C VAL C 154 22.18 -23.90 -9.57
N VAL C 155 23.41 -24.17 -9.17
CA VAL C 155 24.59 -23.87 -9.97
C VAL C 155 25.43 -25.12 -10.10
N GLU C 156 25.97 -25.34 -11.30
CA GLU C 156 27.00 -26.35 -11.53
C GLU C 156 28.24 -25.66 -12.06
N GLY C 157 29.39 -26.00 -11.49
CA GLY C 157 30.65 -25.52 -12.02
C GLY C 157 31.18 -26.47 -13.07
N HIS C 158 30.97 -26.14 -14.33
CA HIS C 158 31.35 -27.02 -15.42
C HIS C 158 32.79 -26.73 -15.84
N GLU C 159 33.23 -27.39 -16.91
CA GLU C 159 34.63 -27.29 -17.32
C GLU C 159 34.99 -25.87 -17.76
N ASP C 160 34.21 -25.29 -18.66
CA ASP C 160 34.52 -23.97 -19.18
C ASP C 160 33.29 -23.10 -19.37
N ARG C 161 32.27 -23.30 -18.53
CA ARG C 161 31.07 -22.49 -18.61
C ARG C 161 30.29 -22.62 -17.31
N ILE C 162 29.70 -21.51 -16.87
CA ILE C 162 28.89 -21.50 -15.66
C ILE C 162 27.51 -22.05 -15.99
N LEU C 163 27.09 -23.07 -15.25
CA LEU C 163 25.81 -23.74 -15.48
C LEU C 163 24.88 -23.39 -14.33
N ILE C 164 24.18 -22.27 -14.48
CA ILE C 164 23.14 -21.87 -13.54
C ILE C 164 21.79 -22.21 -14.15
N LYS C 165 20.97 -22.93 -13.40
CA LYS C 165 19.65 -23.33 -13.87
C LYS C 165 18.79 -23.67 -12.66
N ALA C 166 17.49 -23.77 -12.90
CA ALA C 166 16.53 -24.17 -11.89
C ALA C 166 15.57 -25.17 -12.50
N GLU C 167 15.46 -26.34 -11.88
CA GLU C 167 14.60 -27.41 -12.36
C GLU C 167 13.19 -27.22 -11.79
N GLY C 168 12.34 -28.24 -11.94
CA GLY C 168 10.99 -28.18 -11.42
C GLY C 168 9.94 -28.21 -12.50
N GLU C 169 9.15 -27.14 -12.59
CA GLU C 169 8.18 -27.03 -13.68
C GLU C 169 8.87 -27.01 -15.03
N SER C 170 10.05 -26.40 -15.09
CA SER C 170 10.90 -26.45 -16.28
C SER C 170 12.33 -26.23 -15.82
N GLU C 171 13.27 -26.60 -16.68
CA GLU C 171 14.70 -26.39 -16.43
C GLU C 171 15.19 -25.30 -17.36
N VAL C 172 15.61 -24.18 -16.78
CA VAL C 172 16.02 -23.00 -17.54
C VAL C 172 17.52 -22.86 -17.38
N GLU C 173 18.27 -23.41 -18.34
CA GLU C 173 19.72 -23.37 -18.33
C GLU C 173 20.21 -22.25 -19.25
N VAL C 174 20.89 -21.28 -18.68
CA VAL C 174 21.54 -20.23 -19.45
C VAL C 174 23.02 -20.23 -19.12
N GLU C 175 23.85 -20.06 -20.13
CA GLU C 175 25.30 -20.15 -19.97
C GLU C 175 25.96 -18.89 -20.50
N PHE C 176 27.14 -18.61 -19.95
CA PHE C 176 27.95 -17.44 -20.29
C PHE C 176 29.34 -17.90 -20.70
N SER C 177 29.38 -18.84 -21.64
CA SER C 177 30.62 -19.48 -22.07
C SER C 177 31.70 -18.48 -22.47
N LYS C 178 32.95 -18.91 -22.40
CA LYS C 178 34.08 -18.01 -22.65
C LYS C 178 34.01 -17.38 -24.03
N ASP C 179 33.38 -18.06 -24.99
CA ASP C 179 33.48 -17.65 -26.38
C ASP C 179 32.68 -16.37 -26.65
N THR C 180 31.36 -16.42 -26.43
CA THR C 180 30.50 -15.39 -27.03
C THR C 180 30.59 -14.04 -26.33
N GLY C 181 30.14 -13.96 -25.08
CA GLY C 181 30.23 -12.71 -24.34
C GLY C 181 30.38 -12.91 -22.85
N GLY C 182 30.71 -14.13 -22.45
CA GLY C 182 30.67 -14.50 -21.06
C GLY C 182 31.95 -14.26 -20.29
N LEU C 183 32.56 -15.34 -19.79
CA LEU C 183 33.62 -15.22 -18.80
C LEU C 183 34.83 -14.48 -19.37
N GLN C 184 35.51 -13.76 -18.48
CA GLN C 184 36.81 -13.18 -18.78
C GLN C 184 37.95 -13.81 -17.98
N ASP C 185 37.62 -14.48 -16.88
CA ASP C 185 38.61 -15.23 -16.12
C ASP C 185 37.86 -16.25 -15.28
N LEU C 186 38.43 -17.44 -15.15
CA LEU C 186 37.80 -18.50 -14.37
C LEU C 186 38.83 -19.57 -14.05
N GLU C 187 38.89 -19.96 -12.78
CA GLU C 187 39.72 -21.06 -12.33
C GLU C 187 38.80 -22.24 -12.04
N PHE C 188 39.03 -23.36 -12.74
CA PHE C 188 38.10 -24.49 -12.65
C PHE C 188 38.15 -25.16 -11.28
N SER C 189 39.35 -25.44 -10.78
CA SER C 189 39.52 -26.22 -9.56
C SER C 189 38.83 -27.57 -9.66
N LYS C 190 37.61 -27.66 -9.14
CA LYS C 190 36.88 -28.92 -9.04
C LYS C 190 35.44 -28.71 -9.46
N GLU C 191 34.80 -29.80 -9.88
CA GLU C 191 33.37 -29.76 -10.21
C GLU C 191 32.55 -29.53 -8.95
N SER C 192 31.56 -28.64 -9.03
CA SER C 192 30.73 -28.32 -7.88
C SER C 192 29.29 -28.13 -8.31
N LYS C 193 28.37 -28.65 -7.50
CA LYS C 193 26.94 -28.47 -7.70
C LYS C 193 26.33 -28.00 -6.39
N ASN C 194 25.58 -26.91 -6.44
CA ASN C 194 25.02 -26.33 -5.22
C ASN C 194 23.79 -25.50 -5.58
N SER C 195 23.00 -25.20 -4.55
CA SER C 195 21.74 -24.50 -4.71
C SER C 195 21.63 -23.40 -3.66
N TYR C 196 20.83 -22.38 -3.97
CA TYR C 196 20.74 -21.22 -3.10
C TYR C 196 19.32 -20.65 -3.12
N SER C 197 19.03 -19.85 -2.10
CA SER C 197 17.67 -19.38 -1.86
C SER C 197 17.19 -18.42 -2.94
N ALA C 198 15.89 -18.42 -3.17
CA ALA C 198 15.31 -17.67 -4.29
C ALA C 198 15.17 -16.18 -4.03
N GLU C 199 15.21 -15.73 -2.78
CA GLU C 199 15.11 -14.31 -2.48
C GLU C 199 16.44 -13.70 -2.04
N TYR C 200 17.27 -14.45 -1.33
CA TYR C 200 18.58 -13.94 -0.95
C TYR C 200 19.51 -13.82 -2.15
N LEU C 201 19.10 -14.32 -3.32
CA LEU C 201 19.74 -13.98 -4.58
C LEU C 201 18.84 -13.05 -5.41
N ASP C 202 17.83 -12.46 -4.79
CA ASP C 202 17.01 -11.45 -5.42
C ASP C 202 17.24 -10.07 -4.85
N ASP C 203 17.49 -9.96 -3.54
CA ASP C 203 17.78 -8.68 -2.92
C ASP C 203 19.08 -8.09 -3.46
N VAL C 204 20.10 -8.92 -3.61
CA VAL C 204 21.46 -8.45 -3.82
C VAL C 204 21.62 -8.09 -5.29
N LEU C 205 20.52 -8.00 -6.00
CA LEU C 205 20.58 -7.66 -7.42
C LEU C 205 19.88 -6.35 -7.71
N SER C 206 20.20 -5.30 -6.94
CA SER C 206 19.99 -3.94 -7.40
C SER C 206 21.18 -3.03 -7.08
N LEU C 207 22.31 -3.58 -6.66
CA LEU C 207 23.53 -2.82 -6.48
C LEU C 207 24.52 -3.04 -7.62
N THR C 208 24.05 -3.55 -8.76
CA THR C 208 24.96 -3.98 -9.82
C THR C 208 25.72 -2.80 -10.43
N LYS C 209 25.00 -1.75 -10.84
CA LYS C 209 25.59 -0.75 -11.72
C LYS C 209 26.51 0.21 -10.97
N LEU C 210 27.49 -0.35 -10.25
CA LEU C 210 28.61 0.40 -9.73
C LEU C 210 29.94 -0.13 -10.22
N SER C 211 30.09 -1.45 -10.33
CA SER C 211 31.20 -2.08 -11.00
C SER C 211 30.69 -2.68 -12.31
N ASP C 212 31.59 -3.34 -13.05
CA ASP C 212 31.16 -4.09 -14.21
C ASP C 212 31.94 -5.38 -14.37
N TYR C 213 32.44 -5.95 -13.26
CA TYR C 213 33.11 -7.25 -13.31
C TYR C 213 33.00 -7.89 -11.93
N VAL C 214 32.07 -8.82 -11.78
CA VAL C 214 31.93 -9.57 -10.54
C VAL C 214 33.06 -10.60 -10.46
N LYS C 215 33.25 -11.19 -9.29
CA LYS C 215 34.08 -12.38 -9.14
C LYS C 215 33.33 -13.30 -8.17
N ILE C 216 32.44 -14.13 -8.72
CA ILE C 216 31.76 -15.12 -7.90
C ILE C 216 32.78 -16.15 -7.44
N SER C 217 32.76 -16.45 -6.15
CA SER C 217 33.77 -17.32 -5.54
C SER C 217 33.05 -18.34 -4.66
N PHE C 218 32.90 -19.55 -5.15
CA PHE C 218 32.21 -20.59 -4.41
C PHE C 218 32.56 -21.95 -4.99
N GLY C 219 32.07 -22.98 -4.32
CA GLY C 219 32.33 -24.35 -4.74
C GLY C 219 31.60 -25.31 -3.83
N ASN C 220 31.92 -26.59 -4.00
CA ASN C 220 31.31 -27.61 -3.16
C ASN C 220 31.79 -27.46 -1.72
N GLN C 221 30.89 -27.74 -0.77
CA GLN C 221 31.16 -27.57 0.65
C GLN C 221 31.46 -26.12 0.98
N LYS C 222 30.99 -25.20 0.16
CA LYS C 222 31.30 -23.78 0.30
C LYS C 222 30.06 -22.94 0.05
N PRO C 223 29.79 -21.98 0.92
CA PRO C 223 28.64 -21.09 0.71
C PRO C 223 28.92 -20.10 -0.42
N LEU C 224 27.85 -19.45 -0.86
CA LEU C 224 27.98 -18.43 -1.90
C LEU C 224 28.76 -17.23 -1.37
N GLN C 225 29.55 -16.62 -2.26
CA GLN C 225 30.31 -15.43 -1.90
C GLN C 225 30.65 -14.68 -3.18
N LEU C 226 30.19 -13.44 -3.28
CA LEU C 226 30.53 -12.57 -4.39
C LEU C 226 30.86 -11.19 -3.87
N PHE C 227 31.68 -10.46 -4.62
CA PHE C 227 32.02 -9.10 -4.26
C PHE C 227 32.41 -8.33 -5.52
N PHE C 228 31.89 -7.11 -5.64
CA PHE C 228 32.17 -6.26 -6.79
C PHE C 228 33.52 -5.58 -6.58
N ASN C 229 33.81 -4.56 -7.40
CA ASN C 229 34.99 -3.74 -7.22
C ASN C 229 34.61 -2.29 -7.47
N MET C 230 34.46 -1.51 -6.41
CA MET C 230 34.11 -0.10 -6.51
C MET C 230 35.37 0.73 -6.79
N GLU C 231 35.23 2.05 -6.70
CA GLU C 231 36.37 2.92 -6.92
C GLU C 231 37.43 2.70 -5.85
N GLY C 232 38.69 2.71 -6.26
CA GLY C 232 39.78 2.52 -5.32
C GLY C 232 39.77 1.17 -4.63
N GLY C 233 39.57 0.10 -5.40
CA GLY C 233 39.56 -1.24 -4.83
C GLY C 233 38.41 -1.50 -3.88
N GLY C 234 37.20 -1.08 -4.27
CA GLY C 234 36.05 -1.29 -3.40
C GLY C 234 35.81 -2.75 -3.10
N LYS C 235 35.28 -3.01 -1.91
CA LYS C 235 35.14 -4.37 -1.39
C LYS C 235 33.77 -4.51 -0.73
N VAL C 236 32.77 -4.91 -1.53
CA VAL C 236 31.43 -5.19 -1.02
C VAL C 236 31.31 -6.70 -0.90
N THR C 237 31.68 -7.24 0.26
CA THR C 237 31.69 -8.68 0.48
C THR C 237 30.30 -9.14 0.89
N TYR C 238 29.64 -9.88 0.00
CA TYR C 238 28.34 -10.48 0.30
C TYR C 238 28.47 -11.98 0.44
N LEU C 239 27.68 -12.55 1.35
CA LEU C 239 27.70 -13.98 1.62
C LEU C 239 26.28 -14.54 1.53
N LEU C 240 26.20 -15.85 1.28
CA LEU C 240 24.92 -16.53 1.18
C LEU C 240 25.17 -18.03 1.37
N ALA C 241 24.51 -18.62 2.37
CA ALA C 241 24.67 -20.05 2.63
C ALA C 241 23.79 -20.86 1.67
N PRO C 242 24.18 -22.11 1.40
CA PRO C 242 23.36 -22.96 0.53
C PRO C 242 22.01 -23.30 1.15
N LYS C 243 21.07 -23.64 0.29
CA LYS C 243 19.71 -23.95 0.71
C LYS C 243 19.61 -25.39 1.20
N VAL C 244 18.38 -25.87 1.35
CA VAL C 244 18.03 -27.19 1.92
C VAL C 244 18.97 -27.53 3.08
N LEU C 245 20.01 -28.31 2.83
CA LEU C 245 20.90 -28.74 3.90
C LEU C 245 22.22 -27.97 3.88
N SER G 19 16.43 -9.35 31.66
CA SER G 19 17.89 -9.39 31.65
C SER G 19 18.40 -10.76 32.09
N HIS G 20 18.37 -11.01 33.39
CA HIS G 20 18.85 -12.27 33.94
C HIS G 20 17.82 -13.38 33.83
N MET G 21 16.57 -13.06 33.49
CA MET G 21 15.52 -14.06 33.45
C MET G 21 15.61 -14.88 32.16
N GLU G 22 14.62 -15.74 31.95
CA GLU G 22 14.58 -16.59 30.77
C GLU G 22 13.14 -16.90 30.43
N PHE G 23 12.92 -17.25 29.17
CA PHE G 23 11.61 -17.70 28.69
C PHE G 23 11.35 -19.17 29.03
N LYS G 24 12.33 -19.87 29.58
CA LYS G 24 12.17 -21.29 29.87
C LYS G 24 11.17 -21.52 31.00
N VAL G 25 11.19 -20.67 32.03
CA VAL G 25 10.35 -20.90 33.19
C VAL G 25 8.87 -20.69 32.86
N ILE G 26 8.55 -19.62 32.14
CA ILE G 26 7.17 -19.41 31.75
C ILE G 26 6.71 -20.51 30.78
N ALA G 27 7.63 -21.00 29.94
CA ALA G 27 7.31 -22.12 29.08
C ALA G 27 6.97 -23.36 29.89
N GLU G 28 7.74 -23.63 30.94
CA GLU G 28 7.46 -24.79 31.79
C GLU G 28 6.12 -24.63 32.50
N TYR G 29 5.83 -23.43 33.01
CA TYR G 29 4.56 -23.21 33.69
C TYR G 29 3.39 -23.32 32.73
N PHE G 30 3.57 -22.88 31.48
CA PHE G 30 2.57 -23.12 30.45
C PHE G 30 2.40 -24.61 30.19
N ASP G 31 3.51 -25.36 30.21
CA ASP G 31 3.43 -26.81 30.05
C ASP G 31 2.59 -27.44 31.15
N LYS G 32 2.81 -27.00 32.39
CA LYS G 32 1.95 -27.44 33.50
C LYS G 32 0.79 -26.45 33.69
N LEU G 33 0.12 -26.14 32.59
CA LEU G 33 -1.06 -25.28 32.63
C LEU G 33 -2.26 -25.91 31.93
N GLU G 34 -2.04 -26.64 30.84
CA GLU G 34 -3.10 -27.43 30.22
C GLU G 34 -3.12 -28.86 30.75
N LYS G 35 -3.14 -28.99 32.08
CA LYS G 35 -3.25 -30.27 32.73
C LYS G 35 -4.29 -30.29 33.85
N ILE G 36 -4.89 -29.16 34.16
CA ILE G 36 -5.89 -29.07 35.23
C ILE G 36 -7.15 -28.42 34.66
N SER G 37 -8.28 -29.11 34.80
CA SER G 37 -9.57 -28.59 34.39
C SER G 37 -10.38 -28.05 35.57
N SER G 38 -9.76 -27.92 36.75
CA SER G 38 -10.42 -27.42 37.94
C SER G 38 -9.99 -25.98 38.16
N ARG G 39 -10.93 -25.04 38.02
CA ARG G 39 -10.62 -23.63 38.22
C ARG G 39 -10.30 -23.30 39.67
N LEU G 40 -10.63 -24.19 40.61
CA LEU G 40 -10.21 -24.03 42.00
C LEU G 40 -8.79 -24.50 42.25
N GLN G 41 -8.13 -25.09 41.25
CA GLN G 41 -6.76 -25.56 41.38
C GLN G 41 -5.78 -24.78 40.52
N LEU G 42 -6.13 -24.52 39.26
CA LEU G 42 -5.22 -23.77 38.38
C LEU G 42 -5.01 -22.36 38.90
N THR G 43 -6.00 -21.78 39.58
CA THR G 43 -5.86 -20.44 40.10
C THR G 43 -4.77 -20.38 41.18
N ALA G 44 -4.70 -21.41 42.02
CA ALA G 44 -3.66 -21.44 43.05
C ALA G 44 -2.27 -21.51 42.43
N LEU G 45 -2.11 -22.35 41.39
CA LEU G 45 -0.81 -22.43 40.72
C LEU G 45 -0.47 -21.12 40.03
N LEU G 46 -1.47 -20.46 39.42
CA LEU G 46 -1.23 -19.15 38.82
C LEU G 46 -0.78 -18.14 39.88
N ALA G 47 -1.41 -18.18 41.06
CA ALA G 47 -1.01 -17.29 42.15
C ALA G 47 0.43 -17.57 42.60
N ASP G 48 0.79 -18.84 42.72
CA ASP G 48 2.17 -19.18 43.08
C ASP G 48 3.15 -18.69 42.01
N LEU G 49 2.78 -18.85 40.75
CA LEU G 49 3.62 -18.38 39.64
C LEU G 49 3.83 -16.87 39.71
N LEU G 50 2.74 -16.13 39.94
CA LEU G 50 2.86 -14.68 39.99
C LEU G 50 3.61 -14.23 41.24
N SER G 51 3.49 -14.96 42.34
CA SER G 51 4.28 -14.66 43.53
C SER G 51 5.76 -14.86 43.25
N LYS G 52 6.11 -15.93 42.52
CA LYS G 52 7.52 -16.16 42.19
C LYS G 52 8.00 -15.31 41.02
N SER G 53 7.10 -14.60 40.35
CA SER G 53 7.50 -13.74 39.24
C SER G 53 8.29 -12.54 39.75
N ASP G 54 9.10 -11.96 38.87
CA ASP G 54 10.00 -10.86 39.24
C ASP G 54 9.44 -9.53 38.76
N LYS G 55 9.67 -8.50 39.56
CA LYS G 55 9.21 -7.15 39.24
C LYS G 55 10.00 -6.59 38.06
N THR G 56 9.58 -5.40 37.62
CA THR G 56 10.16 -4.65 36.51
C THR G 56 9.94 -5.34 35.17
N ILE G 57 9.36 -6.54 35.21
CA ILE G 57 8.93 -7.25 34.02
C ILE G 57 7.55 -7.86 34.16
N ILE G 58 6.88 -7.67 35.30
CA ILE G 58 5.63 -8.36 35.56
C ILE G 58 4.52 -7.85 34.65
N ASP G 59 4.54 -6.56 34.33
CA ASP G 59 3.53 -6.02 33.41
C ASP G 59 3.67 -6.64 32.03
N LYS G 60 4.91 -6.78 31.55
CA LYS G 60 5.14 -7.45 30.27
C LYS G 60 4.73 -8.91 30.34
N VAL G 61 4.99 -9.56 31.48
CA VAL G 61 4.57 -10.94 31.65
C VAL G 61 3.06 -11.06 31.54
N VAL G 62 2.33 -10.15 32.18
CA VAL G 62 0.87 -10.16 32.13
C VAL G 62 0.39 -9.95 30.70
N TYR G 63 0.97 -8.96 30.02
CA TYR G 63 0.57 -8.72 28.63
C TYR G 63 0.85 -9.93 27.75
N ILE G 64 1.89 -10.70 28.07
CA ILE G 64 2.11 -11.96 27.38
C ILE G 64 1.01 -12.95 27.71
N ILE G 65 0.59 -12.99 28.98
CA ILE G 65 -0.38 -14.00 29.43
C ILE G 65 -1.69 -13.84 28.67
N GLN G 66 -2.22 -12.62 28.62
CA GLN G 66 -3.44 -12.38 27.84
C GLN G 66 -3.17 -12.43 26.35
N GLY G 67 -1.91 -12.40 25.93
CA GLY G 67 -1.56 -12.57 24.55
C GLY G 67 -1.56 -11.31 23.71
N LYS G 68 -1.47 -10.14 24.33
CA LYS G 68 -1.49 -8.88 23.60
C LYS G 68 -0.30 -8.04 24.04
N LEU G 69 0.44 -7.51 23.07
CA LEU G 69 1.58 -6.64 23.38
C LEU G 69 1.14 -5.35 24.04
N TRP G 70 -0.04 -4.83 23.70
CA TRP G 70 -0.59 -3.63 24.33
C TRP G 70 -2.08 -3.55 24.08
N PRO G 71 -2.88 -3.26 25.12
CA PRO G 71 -4.33 -3.13 24.91
C PRO G 71 -4.62 -2.01 23.92
N ASP G 72 -5.59 -2.26 23.05
CA ASP G 72 -5.77 -1.41 21.88
C ASP G 72 -6.55 -0.16 22.17
N PHE G 73 -6.67 0.27 23.43
CA PHE G 73 -7.21 1.59 23.65
C PHE G 73 -6.20 2.68 23.32
N LEU G 74 -4.95 2.33 23.06
CA LEU G 74 -3.94 3.26 22.58
C LEU G 74 -4.02 3.48 21.06
N GLY G 75 -4.86 2.73 20.37
CA GLY G 75 -5.05 2.93 18.94
C GLY G 75 -3.90 2.47 18.07
N TYR G 76 -3.11 1.52 18.53
CA TYR G 76 -2.00 1.06 17.71
C TYR G 76 -2.52 0.18 16.57
N PRO G 77 -1.87 0.23 15.41
CA PRO G 77 -2.24 -0.68 14.32
C PRO G 77 -1.94 -2.12 14.68
N GLU G 78 -2.78 -3.02 14.17
CA GLU G 78 -2.70 -4.43 14.53
C GLU G 78 -1.58 -5.12 13.76
N LEU G 79 -1.08 -6.21 14.35
CA LEU G 79 -0.08 -7.02 13.67
C LEU G 79 -0.68 -7.61 12.39
N GLY G 80 0.16 -7.73 11.36
CA GLY G 80 -0.27 -8.23 10.07
C GLY G 80 0.07 -9.67 9.78
N ILE G 81 0.79 -10.35 10.69
CA ILE G 81 1.11 -11.75 10.46
C ILE G 81 -0.17 -12.58 10.51
N GLY G 82 -0.28 -13.54 9.59
CA GLY G 82 -1.45 -14.39 9.55
C GLY G 82 -1.11 -15.87 9.40
N GLU G 83 -1.75 -16.54 8.46
CA GLU G 83 -1.51 -17.97 8.26
C GLU G 83 -0.42 -18.23 7.24
N LYS G 84 -0.62 -17.78 5.99
CA LYS G 84 0.30 -18.13 4.92
C LYS G 84 1.68 -17.50 5.15
N PHE G 85 1.71 -16.29 5.68
CA PHE G 85 2.99 -15.67 6.03
C PHE G 85 3.74 -16.50 7.06
N LEU G 86 3.03 -16.99 8.08
CA LEU G 86 3.67 -17.83 9.08
C LEU G 86 4.14 -19.14 8.46
N ILE G 87 3.38 -19.69 7.53
CA ILE G 87 3.80 -20.91 6.84
C ILE G 87 5.12 -20.67 6.12
N LYS G 88 5.20 -19.57 5.37
CA LYS G 88 6.42 -19.26 4.65
C LYS G 88 7.59 -19.05 5.62
N ALA G 89 7.35 -18.34 6.72
CA ALA G 89 8.40 -18.10 7.68
C ALA G 89 8.87 -19.39 8.34
N ILE G 90 7.94 -20.30 8.62
CA ILE G 90 8.31 -21.60 9.19
C ILE G 90 9.18 -22.36 8.21
N SER G 91 8.80 -22.37 6.93
CA SER G 91 9.63 -23.01 5.92
C SER G 91 11.02 -22.40 5.88
N ILE G 92 11.10 -21.07 6.00
CA ILE G 92 12.40 -20.40 5.97
C ILE G 92 13.25 -20.80 7.16
N ALA G 93 12.67 -20.71 8.36
CA ALA G 93 13.43 -20.99 9.58
C ALA G 93 13.86 -22.44 9.64
N THR G 94 13.00 -23.35 9.20
CA THR G 94 13.31 -24.78 9.22
C THR G 94 14.18 -25.21 8.05
N ASN G 95 14.38 -24.35 7.06
CA ASN G 95 15.07 -24.72 5.82
C ASN G 95 14.43 -25.94 5.19
N THR G 96 13.10 -25.95 5.17
CA THR G 96 12.31 -27.07 4.68
C THR G 96 11.32 -26.57 3.64
N ASP G 97 10.86 -27.49 2.80
CA ASP G 97 9.99 -27.15 1.68
C ASP G 97 8.72 -26.46 2.15
N GLU G 98 8.40 -25.34 1.51
CA GLU G 98 7.19 -24.58 1.87
C GLU G 98 5.93 -25.39 1.61
N ASN G 99 5.87 -26.08 0.46
CA ASN G 99 4.66 -26.82 0.11
C ASN G 99 4.45 -28.00 1.05
N SER G 100 5.53 -28.59 1.56
CA SER G 100 5.39 -29.67 2.53
C SER G 100 4.70 -29.20 3.79
N VAL G 101 5.10 -28.03 4.30
CA VAL G 101 4.46 -27.49 5.50
C VAL G 101 3.02 -27.07 5.20
N GLU G 102 2.77 -26.56 3.99
CA GLU G 102 1.40 -26.24 3.59
C GLU G 102 0.52 -27.49 3.63
N ASN G 103 1.02 -28.59 3.06
CA ASN G 103 0.28 -29.84 3.07
C ASN G 103 0.07 -30.36 4.50
N LEU G 104 1.10 -30.30 5.33
CA LEU G 104 0.97 -30.78 6.70
C LEU G 104 -0.04 -29.96 7.49
N TYR G 105 -0.06 -28.64 7.27
CA TYR G 105 -1.09 -27.81 7.88
C TYR G 105 -2.47 -28.18 7.37
N LYS G 106 -2.58 -28.49 6.08
CA LYS G 106 -3.85 -29.00 5.56
C LYS G 106 -4.23 -30.30 6.25
N THR G 107 -3.24 -31.06 6.71
CA THR G 107 -3.51 -32.31 7.43
C THR G 107 -3.83 -32.05 8.90
N ILE G 108 -2.88 -31.48 9.65
CA ILE G 108 -3.01 -31.25 11.08
C ILE G 108 -3.42 -29.80 11.31
N GLY G 109 -4.45 -29.60 12.13
CA GLY G 109 -4.96 -28.25 12.34
C GLY G 109 -3.99 -27.34 13.08
N ASP G 110 -3.28 -27.87 14.05
CA ASP G 110 -2.40 -27.05 14.90
C ASP G 110 -1.08 -26.78 14.19
N LEU G 111 -0.85 -25.53 13.80
CA LEU G 111 0.42 -25.17 13.19
C LEU G 111 1.57 -25.31 14.16
N GLY G 112 1.30 -25.21 15.47
CA GLY G 112 2.35 -25.42 16.44
C GLY G 112 2.93 -26.82 16.35
N GLU G 113 2.07 -27.83 16.27
CA GLU G 113 2.55 -29.18 16.02
C GLU G 113 3.14 -29.30 14.62
N VAL G 114 2.65 -28.49 13.67
CA VAL G 114 3.19 -28.52 12.32
C VAL G 114 4.67 -28.19 12.35
N ALA G 115 5.05 -27.16 13.10
CA ALA G 115 6.45 -26.78 13.19
C ALA G 115 7.21 -27.53 14.27
N ARG G 116 6.50 -28.21 15.18
CA ARG G 116 7.15 -28.80 16.35
C ARG G 116 8.15 -29.87 15.95
N ARG G 117 7.74 -30.79 15.09
CA ARG G 117 8.64 -31.88 14.68
C ARG G 117 9.80 -31.37 13.84
N LEU G 118 9.76 -30.12 13.39
CA LEU G 118 10.73 -29.60 12.46
C LEU G 118 11.97 -29.04 13.14
N LYS G 119 12.11 -29.21 14.45
CA LYS G 119 13.21 -28.60 15.19
C LYS G 119 14.15 -29.58 15.87
N SER G 120 13.74 -30.83 16.09
CA SER G 120 14.57 -31.81 16.77
C SER G 120 15.19 -32.82 15.81
N LYS G 121 14.40 -33.40 14.91
CA LYS G 121 14.95 -34.36 13.97
C LYS G 121 15.93 -33.71 12.99
N GLN G 122 15.64 -32.48 12.57
CA GLN G 122 16.51 -31.72 11.68
C GLN G 122 16.51 -30.27 12.12
N GLN G 123 17.57 -29.56 11.76
CA GLN G 123 17.74 -28.17 12.16
C GLN G 123 18.16 -27.37 10.93
N SER G 124 18.49 -26.10 11.16
CA SER G 124 18.92 -25.20 10.10
C SER G 124 20.38 -24.83 10.30
N THR G 125 21.18 -24.99 9.24
CA THR G 125 22.61 -24.74 9.34
C THR G 125 22.90 -23.26 9.50
N GLY G 126 22.46 -22.45 8.54
CA GLY G 126 22.75 -21.04 8.59
C GLY G 126 24.20 -20.73 8.21
N ILE G 127 24.59 -19.50 8.49
CA ILE G 127 25.94 -19.03 8.19
C ILE G 127 26.84 -19.02 9.43
N LEU G 128 26.32 -18.60 10.58
CA LEU G 128 27.12 -18.49 11.79
C LEU G 128 27.35 -19.88 12.37
N GLY G 129 28.61 -20.22 12.60
CA GLY G 129 28.96 -21.53 13.14
C GLY G 129 30.03 -22.24 12.34
N PHE G 130 30.00 -22.07 11.02
CA PHE G 130 31.01 -22.70 10.18
C PHE G 130 32.39 -22.05 10.36
N LEU G 131 32.41 -20.73 10.55
CA LEU G 131 33.67 -20.04 10.79
C LEU G 131 34.16 -20.19 12.23
N GLY G 132 33.31 -20.61 13.15
CA GLY G 132 33.72 -20.89 14.52
C GLY G 132 33.37 -19.79 15.50
N THR G 133 32.30 -20.00 16.27
CA THR G 133 31.91 -19.09 17.34
C THR G 133 30.91 -19.78 18.27
N THR G 134 31.17 -19.74 19.57
CA THR G 134 30.32 -20.38 20.56
C THR G 134 29.86 -19.32 21.56
N SER G 135 28.76 -18.64 21.22
CA SER G 135 28.17 -17.64 22.12
C SER G 135 26.67 -17.59 21.86
N LYS G 136 25.91 -18.34 22.66
CA LYS G 136 24.45 -18.33 22.58
C LYS G 136 23.88 -19.03 23.81
N GLU G 137 22.93 -18.39 24.49
CA GLU G 137 22.33 -18.98 25.67
C GLU G 137 20.80 -18.95 25.58
N SER G 138 20.13 -19.28 26.68
CA SER G 138 18.68 -19.32 26.70
C SER G 138 18.09 -17.94 26.48
N LEU G 139 16.98 -17.88 25.75
CA LEU G 139 16.29 -16.64 25.47
C LEU G 139 15.48 -16.19 26.70
N THR G 140 15.20 -14.90 26.75
CA THR G 140 14.49 -14.29 27.86
C THR G 140 13.22 -13.60 27.38
N VAL G 141 12.26 -13.45 28.28
CA VAL G 141 11.00 -12.82 27.91
C VAL G 141 11.19 -11.35 27.61
N ASP G 142 12.18 -10.69 28.23
CA ASP G 142 12.39 -9.26 28.02
C ASP G 142 12.77 -8.98 26.57
N GLU G 143 13.80 -9.66 26.09
CA GLU G 143 14.26 -9.42 24.72
C GLU G 143 13.23 -9.89 23.71
N VAL G 144 12.54 -10.99 23.99
CA VAL G 144 11.52 -11.47 23.06
C VAL G 144 10.39 -10.46 22.96
N TYR G 145 9.95 -9.92 24.10
CA TYR G 145 8.90 -8.91 24.07
C TYR G 145 9.35 -7.66 23.33
N SER G 146 10.60 -7.22 23.58
CA SER G 146 11.11 -6.04 22.89
C SER G 146 11.16 -6.27 21.39
N THR G 147 11.65 -7.45 20.97
CA THR G 147 11.74 -7.75 19.55
C THR G 147 10.35 -7.82 18.93
N LEU G 148 9.39 -8.45 19.62
CA LEU G 148 8.04 -8.53 19.10
C LEU G 148 7.41 -7.15 18.97
N SER G 149 7.63 -6.29 19.96
CA SER G 149 7.12 -4.93 19.87
C SER G 149 7.73 -4.19 18.68
N LYS G 150 9.03 -4.37 18.47
CA LYS G 150 9.67 -3.76 17.30
C LYS G 150 9.07 -4.31 16.01
N VAL G 151 8.79 -5.60 15.98
CA VAL G 151 8.18 -6.23 14.82
C VAL G 151 6.76 -5.74 14.59
N ALA G 152 6.08 -5.32 15.66
CA ALA G 152 4.64 -5.09 15.63
C ALA G 152 4.18 -4.21 14.47
N LEU G 153 4.61 -2.96 14.44
CA LEU G 153 4.07 -2.08 13.40
C LEU G 153 5.00 -2.01 12.19
N THR G 154 6.18 -1.41 12.36
CA THR G 154 7.31 -1.47 11.45
C THR G 154 6.90 -1.58 9.97
N THR G 155 5.96 -0.75 9.53
CA THR G 155 5.36 -0.97 8.22
C THR G 155 6.33 -0.61 7.10
N GLY G 156 6.67 0.67 6.99
CA GLY G 156 7.53 1.08 5.90
C GLY G 156 6.92 0.79 4.55
N GLU G 157 7.79 0.57 3.56
CA GLU G 157 7.38 0.25 2.20
C GLU G 157 7.82 -1.15 1.78
N GLY G 158 9.11 -1.45 1.88
CA GLY G 158 9.57 -2.80 1.70
C GLY G 158 9.32 -3.58 2.97
N SER G 159 8.04 -3.87 3.25
CA SER G 159 7.65 -4.29 4.59
C SER G 159 7.88 -5.77 4.85
N ARG G 160 7.18 -6.62 4.10
CA ARG G 160 6.92 -7.97 4.58
C ARG G 160 8.19 -8.81 4.63
N ASP G 161 9.10 -8.62 3.68
CA ASP G 161 10.29 -9.45 3.67
C ASP G 161 11.12 -9.27 4.94
N LEU G 162 11.35 -8.02 5.34
CA LEU G 162 12.12 -7.76 6.56
C LEU G 162 11.42 -8.32 7.78
N LYS G 163 10.12 -8.05 7.92
CA LYS G 163 9.38 -8.46 9.11
C LYS G 163 9.33 -9.98 9.23
N ILE G 164 9.06 -10.66 8.11
CA ILE G 164 9.03 -12.11 8.13
C ILE G 164 10.42 -12.67 8.40
N ARG G 165 11.46 -12.02 7.86
CA ARG G 165 12.83 -12.44 8.15
C ARG G 165 13.07 -12.45 9.65
N LEU G 166 12.75 -11.34 10.30
CA LEU G 166 13.00 -11.24 11.74
C LEU G 166 12.13 -12.22 12.52
N LEU G 167 10.87 -12.38 12.11
CA LEU G 167 9.98 -13.30 12.83
C LEU G 167 10.49 -14.72 12.74
N ALA G 168 10.82 -15.18 11.54
CA ALA G 168 11.38 -16.52 11.37
C ALA G 168 12.71 -16.67 12.08
N GLY G 169 13.53 -15.62 12.12
CA GLY G 169 14.78 -15.71 12.84
C GLY G 169 14.58 -15.91 14.32
N LEU G 170 13.69 -15.12 14.92
CA LEU G 170 13.39 -15.32 16.33
C LEU G 170 12.77 -16.69 16.57
N LEU G 171 11.94 -17.17 15.64
CA LEU G 171 11.38 -18.51 15.75
C LEU G 171 12.49 -19.55 15.77
N LYS G 172 13.47 -19.40 14.88
CA LYS G 172 14.64 -20.26 14.87
C LYS G 172 15.52 -20.05 16.09
N LYS G 173 15.32 -18.96 16.82
CA LYS G 173 16.12 -18.63 18.00
C LYS G 173 15.61 -19.30 19.27
N ALA G 174 14.88 -20.40 19.13
CA ALA G 174 14.28 -21.07 20.28
C ALA G 174 14.67 -22.54 20.35
N ASP G 175 14.00 -23.29 21.21
CA ASP G 175 14.22 -24.71 21.41
C ASP G 175 13.02 -25.52 20.92
N PRO G 176 13.21 -26.80 20.58
CA PRO G 176 12.09 -27.57 20.01
C PRO G 176 10.87 -27.66 20.91
N LEU G 177 11.06 -27.76 22.23
CA LEU G 177 9.91 -27.85 23.12
C LEU G 177 9.17 -26.52 23.21
N GLU G 178 9.91 -25.41 23.33
CA GLU G 178 9.27 -24.11 23.48
C GLU G 178 8.71 -23.58 22.17
N ALA G 179 9.09 -24.17 21.03
CA ALA G 179 8.62 -23.68 19.75
C ALA G 179 7.24 -24.25 19.42
N LYS G 180 6.32 -24.16 20.37
CA LYS G 180 4.94 -24.51 20.11
C LYS G 180 3.97 -23.42 20.56
N PHE G 181 4.26 -22.77 21.69
CA PHE G 181 3.38 -21.73 22.19
C PHE G 181 3.50 -20.45 21.37
N LEU G 182 4.66 -20.23 20.75
CA LEU G 182 4.88 -18.99 20.00
C LEU G 182 3.90 -18.86 18.85
N VAL G 183 3.65 -19.97 18.15
CA VAL G 183 2.73 -19.94 17.02
C VAL G 183 1.38 -19.41 17.48
N ARG G 184 0.85 -19.94 18.57
CA ARG G 184 -0.40 -19.43 19.12
C ARG G 184 -0.23 -17.98 19.57
N PHE G 185 0.95 -17.63 20.09
CA PHE G 185 1.22 -16.26 20.51
C PHE G 185 1.03 -15.28 19.36
N VAL G 186 1.22 -15.76 18.13
CA VAL G 186 0.97 -14.91 16.97
C VAL G 186 -0.46 -15.07 16.43
N GLU G 187 -1.14 -16.19 16.72
CA GLU G 187 -2.47 -16.41 16.17
C GLU G 187 -3.47 -15.36 16.64
N GLY G 188 -3.47 -15.08 17.94
CA GLY G 188 -4.44 -14.17 18.51
C GLY G 188 -5.27 -14.77 19.63
N ARG G 189 -4.74 -15.80 20.30
CA ARG G 189 -5.39 -16.48 21.40
C ARG G 189 -4.41 -17.46 22.01
N LEU G 190 -4.54 -17.67 23.32
CA LEU G 190 -3.69 -18.62 24.04
C LEU G 190 -4.56 -19.79 24.47
N ARG G 191 -4.26 -20.99 23.95
CA ARG G 191 -5.09 -22.16 24.20
C ARG G 191 -4.71 -22.85 25.51
N VAL G 192 -4.65 -22.09 26.61
CA VAL G 192 -4.50 -22.69 27.93
C VAL G 192 -5.79 -22.62 28.74
N GLY G 193 -6.81 -21.96 28.23
CA GLY G 193 -8.07 -21.87 28.94
C GLY G 193 -8.04 -21.04 30.20
N ILE G 194 -7.10 -20.11 30.31
CA ILE G 194 -6.99 -19.25 31.49
C ILE G 194 -7.51 -17.87 31.10
N GLY G 195 -8.64 -17.49 31.68
CA GLY G 195 -9.25 -16.21 31.37
C GLY G 195 -8.68 -15.08 32.20
N ASP G 196 -9.25 -13.90 32.01
CA ASP G 196 -8.79 -12.69 32.68
C ASP G 196 -9.24 -12.63 34.13
N ALA G 197 -10.52 -12.93 34.39
CA ALA G 197 -11.03 -12.88 35.75
C ALA G 197 -10.31 -13.88 36.65
N THR G 198 -9.92 -15.03 36.09
CA THR G 198 -9.13 -15.99 36.85
C THR G 198 -7.81 -15.37 37.30
N VAL G 199 -7.16 -14.63 36.42
CA VAL G 199 -5.91 -13.95 36.78
C VAL G 199 -6.17 -12.89 37.85
N LEU G 200 -7.27 -12.13 37.71
CA LEU G 200 -7.58 -11.11 38.71
C LEU G 200 -7.75 -11.74 40.09
N ASP G 201 -8.53 -12.81 40.17
CA ASP G 201 -8.76 -13.46 41.46
C ASP G 201 -7.49 -14.12 41.98
N ALA G 202 -6.65 -14.65 41.09
CA ALA G 202 -5.37 -15.21 41.53
C ALA G 202 -4.49 -14.13 42.14
N MET G 203 -4.46 -12.95 41.51
CA MET G 203 -3.70 -11.84 42.08
C MET G 203 -4.28 -11.43 43.43
N ALA G 204 -5.62 -11.39 43.53
CA ALA G 204 -6.26 -11.04 44.79
C ALA G 204 -5.89 -12.03 45.89
N ILE G 205 -5.86 -13.32 45.56
CA ILE G 205 -5.48 -14.33 46.54
C ILE G 205 -4.01 -14.19 46.92
N ALA G 206 -3.14 -13.97 45.93
CA ALA G 206 -1.71 -13.96 46.19
C ALA G 206 -1.29 -12.73 46.99
N PHE G 207 -1.51 -11.54 46.45
CA PHE G 207 -1.03 -10.33 47.10
C PHE G 207 -1.83 -10.03 48.36
N GLY G 208 -3.16 -10.08 48.26
CA GLY G 208 -4.00 -9.78 49.41
C GLY G 208 -3.86 -10.81 50.53
N GLY G 209 -3.66 -12.07 50.16
CA GLY G 209 -3.68 -13.14 51.15
C GLY G 209 -5.08 -13.58 51.49
N GLY G 210 -5.97 -12.63 51.76
CA GLY G 210 -7.37 -12.92 51.94
C GLY G 210 -8.15 -12.63 50.66
N GLN G 211 -9.38 -13.16 50.61
CA GLN G 211 -10.21 -12.98 49.44
C GLN G 211 -10.79 -11.58 49.34
N SER G 212 -10.84 -10.84 50.45
CA SER G 212 -11.44 -9.50 50.44
C SER G 212 -10.67 -8.54 49.56
N ALA G 213 -9.43 -8.85 49.21
CA ALA G 213 -8.66 -8.04 48.28
C ALA G 213 -9.12 -8.20 46.85
N SER G 214 -10.23 -8.90 46.62
CA SER G 214 -10.75 -9.09 45.28
C SER G 214 -11.65 -7.96 44.82
N GLU G 215 -12.43 -7.37 45.73
CA GLU G 215 -13.32 -6.27 45.35
C GLU G 215 -12.53 -5.06 44.88
N ILE G 216 -11.39 -4.79 45.53
CA ILE G 216 -10.56 -3.65 45.13
C ILE G 216 -9.97 -3.89 43.74
N ILE G 217 -9.56 -5.13 43.46
CA ILE G 217 -9.08 -5.46 42.12
C ILE G 217 -10.19 -5.30 41.10
N GLU G 218 -11.40 -5.75 41.45
CA GLU G 218 -12.55 -5.61 40.56
C GLU G 218 -12.79 -4.14 40.21
N ARG G 219 -12.85 -3.27 41.22
CA ARG G 219 -13.08 -1.86 40.96
C ARG G 219 -11.91 -1.25 40.19
N ALA G 220 -10.68 -1.67 40.49
CA ALA G 220 -9.53 -1.14 39.79
C ALA G 220 -9.61 -1.47 38.30
N TYR G 221 -10.04 -2.68 37.97
CA TYR G 221 -10.30 -2.99 36.57
C TYR G 221 -11.46 -2.16 36.03
N ASN G 222 -12.48 -1.92 36.85
CA ASN G 222 -13.59 -1.09 36.42
C ASN G 222 -13.13 0.32 36.04
N LEU G 223 -12.07 0.79 36.68
CA LEU G 223 -11.64 2.18 36.48
C LEU G 223 -11.06 2.39 35.10
N ARG G 224 -9.95 1.71 34.80
CA ARG G 224 -9.24 1.89 33.54
C ARG G 224 -9.28 0.60 32.74
N ALA G 225 -9.26 0.75 31.41
CA ALA G 225 -9.17 -0.42 30.55
C ALA G 225 -7.80 -1.08 30.61
N ASP G 226 -6.81 -0.45 31.25
CA ASP G 226 -5.49 -1.05 31.36
C ASP G 226 -5.50 -2.19 32.37
N LEU G 227 -4.47 -3.02 32.29
CA LEU G 227 -4.23 -4.02 33.33
C LEU G 227 -2.78 -3.96 33.79
N GLY G 228 -1.88 -3.59 32.88
CA GLY G 228 -0.46 -3.57 33.21
C GLY G 228 -0.11 -2.53 34.26
N ASN G 229 -0.63 -1.31 34.11
CA ASN G 229 -0.35 -0.26 35.08
C ASN G 229 -0.95 -0.61 36.44
N ILE G 230 -2.16 -1.17 36.46
CA ILE G 230 -2.76 -1.58 37.72
C ILE G 230 -1.92 -2.67 38.38
N ALA G 231 -1.44 -3.62 37.59
CA ALA G 231 -0.59 -4.68 38.13
C ALA G 231 0.70 -4.11 38.70
N LYS G 232 1.31 -3.16 38.00
CA LYS G 232 2.58 -2.62 38.48
C LYS G 232 2.39 -1.78 39.72
N ILE G 233 1.30 -1.02 39.81
CA ILE G 233 1.07 -0.26 41.03
C ILE G 233 0.72 -1.19 42.18
N ILE G 234 0.10 -2.33 41.87
CA ILE G 234 -0.14 -3.34 42.90
C ILE G 234 1.19 -3.88 43.42
N VAL G 235 2.09 -4.25 42.53
CA VAL G 235 3.36 -4.84 42.95
C VAL G 235 4.34 -3.82 43.49
N GLU G 236 4.07 -2.52 43.32
CA GLU G 236 4.96 -1.50 43.86
C GLU G 236 4.71 -1.27 45.35
N LYS G 237 3.51 -0.83 45.71
CA LYS G 237 3.18 -0.47 47.09
C LYS G 237 2.40 -1.57 47.79
N GLY G 238 1.24 -1.93 47.25
CA GLY G 238 0.38 -2.90 47.90
C GLY G 238 -1.06 -2.69 47.47
N ILE G 239 -1.96 -3.35 48.20
CA ILE G 239 -3.37 -3.31 47.86
C ILE G 239 -3.93 -1.90 48.04
N GLU G 240 -3.46 -1.18 49.05
CA GLU G 240 -4.06 0.09 49.43
C GLU G 240 -3.82 1.15 48.36
N ALA G 241 -4.34 2.35 48.63
CA ALA G 241 -4.16 3.51 47.76
C ALA G 241 -4.72 3.26 46.37
N LEU G 242 -5.90 2.64 46.31
CA LEU G 242 -6.56 2.41 45.02
C LEU G 242 -8.01 2.86 45.07
N LYS G 243 -8.61 2.84 46.26
CA LYS G 243 -10.04 3.09 46.38
C LYS G 243 -10.41 4.50 45.92
N THR G 244 -9.61 5.49 46.31
CA THR G 244 -9.90 6.89 45.99
C THR G 244 -9.56 7.24 44.55
N LEU G 245 -9.12 6.28 43.75
CA LEU G 245 -8.82 6.55 42.35
C LEU G 245 -10.13 6.74 41.60
N LYS G 246 -10.42 7.98 41.21
CA LYS G 246 -11.68 8.31 40.60
C LYS G 246 -11.77 7.71 39.19
N PRO G 247 -12.99 7.56 38.66
CA PRO G 247 -13.11 7.17 37.24
C PRO G 247 -12.71 8.31 36.34
N GLN G 248 -11.51 8.25 35.77
CA GLN G 248 -10.95 9.41 35.11
C GLN G 248 -11.25 9.39 33.62
N VAL G 249 -11.34 10.59 33.04
CA VAL G 249 -11.37 10.70 31.59
C VAL G 249 -10.05 10.19 31.02
N GLY G 250 -10.14 9.38 29.98
CA GLY G 250 -8.96 8.70 29.47
C GLY G 250 -9.23 7.25 29.16
N ILE G 251 -8.58 6.35 29.89
CA ILE G 251 -8.68 4.91 29.62
C ILE G 251 -10.14 4.49 29.69
N PRO G 252 -10.66 3.73 28.72
CA PRO G 252 -12.10 3.52 28.62
C PRO G 252 -12.65 2.65 29.74
N ILE G 253 -13.99 2.64 29.81
CA ILE G 253 -14.75 1.81 30.74
C ILE G 253 -15.79 1.05 29.93
N ARG G 254 -15.71 -0.27 29.93
CA ARG G 254 -16.56 -1.09 29.08
C ARG G 254 -18.01 -1.02 29.54
N PRO G 255 -18.96 -1.12 28.61
CA PRO G 255 -20.37 -1.20 29.00
C PRO G 255 -20.66 -2.49 29.72
N MET G 256 -21.64 -2.45 30.63
CA MET G 256 -21.99 -3.65 31.37
C MET G 256 -22.73 -4.63 30.46
N LEU G 257 -22.83 -5.87 30.93
CA LEU G 257 -23.51 -6.93 30.19
C LEU G 257 -24.86 -7.22 30.85
N ALA G 258 -25.56 -8.23 30.34
CA ALA G 258 -26.90 -8.54 30.79
C ALA G 258 -27.19 -10.01 30.52
N GLU G 259 -28.46 -10.39 30.61
CA GLU G 259 -28.91 -11.76 30.40
C GLU G 259 -30.06 -11.76 29.39
N ARG G 260 -30.12 -12.79 28.56
CA ARG G 260 -31.15 -12.92 27.53
C ARG G 260 -32.24 -13.87 27.98
N LEU G 261 -33.49 -13.47 27.76
CA LEU G 261 -34.65 -14.30 28.10
C LEU G 261 -35.86 -13.77 27.35
N SER G 262 -37.01 -14.40 27.60
CA SER G 262 -38.24 -14.09 26.89
C SER G 262 -38.93 -12.89 27.56
N ASN G 263 -40.20 -12.67 27.21
CA ASN G 263 -41.00 -11.59 27.78
C ASN G 263 -42.14 -12.17 28.62
N PRO G 264 -41.85 -12.74 29.79
CA PRO G 264 -42.91 -13.35 30.60
C PRO G 264 -43.53 -12.37 31.58
N GLU G 265 -44.44 -12.87 32.41
CA GLU G 265 -44.94 -12.10 33.55
C GLU G 265 -43.90 -12.11 34.66
N GLU G 266 -42.71 -11.62 34.38
CA GLU G 266 -41.57 -11.69 35.30
C GLU G 266 -40.93 -10.35 35.58
N ILE G 267 -40.87 -9.47 34.58
CA ILE G 267 -40.17 -8.20 34.73
C ILE G 267 -40.85 -7.32 35.78
N LEU G 268 -42.18 -7.23 35.73
CA LEU G 268 -42.90 -6.38 36.66
C LEU G 268 -42.72 -6.85 38.09
N LYS G 269 -42.77 -8.16 38.31
CA LYS G 269 -42.62 -8.70 39.65
C LYS G 269 -41.19 -8.59 40.14
N LYS G 270 -40.21 -8.84 39.26
CA LYS G 270 -38.82 -8.73 39.66
C LYS G 270 -38.46 -7.30 40.05
N MET G 271 -38.93 -6.32 39.27
CA MET G 271 -38.71 -4.93 39.65
C MET G 271 -39.45 -4.60 40.94
N GLY G 272 -40.69 -5.07 41.07
CA GLY G 272 -41.48 -4.80 42.25
C GLY G 272 -42.47 -3.66 42.06
N GLY G 273 -42.04 -2.60 41.39
CA GLY G 273 -42.89 -1.45 41.15
C GLY G 273 -42.80 -0.91 39.75
N ASN G 274 -42.95 0.41 39.60
CA ASN G 274 -42.88 1.04 38.29
C ASN G 274 -41.47 0.88 37.71
N ALA G 275 -41.39 0.32 36.50
CA ALA G 275 -40.13 -0.01 35.88
C ALA G 275 -39.82 0.98 34.77
N ILE G 276 -38.52 1.23 34.57
CA ILE G 276 -38.05 2.17 33.57
C ILE G 276 -38.10 1.45 32.22
N VAL G 277 -39.15 1.70 31.45
CA VAL G 277 -39.38 1.01 30.18
C VAL G 277 -38.58 1.74 29.10
N ASP G 278 -37.56 1.07 28.58
CA ASP G 278 -36.69 1.62 27.55
C ASP G 278 -36.92 0.88 26.23
N TYR G 279 -36.10 1.21 25.23
CA TYR G 279 -36.19 0.62 23.91
C TYR G 279 -34.87 -0.04 23.54
N LYS G 280 -34.95 -1.19 22.89
CA LYS G 280 -33.76 -1.94 22.48
C LYS G 280 -33.19 -1.31 21.22
N TYR G 281 -32.01 -0.70 21.32
CA TYR G 281 -31.39 -0.02 20.19
C TYR G 281 -30.42 -0.95 19.48
N ASP G 282 -29.86 -0.48 18.37
CA ASP G 282 -29.00 -1.29 17.53
C ASP G 282 -27.77 -0.50 17.11
N GLY G 283 -26.70 -1.24 16.81
CA GLY G 283 -25.47 -0.66 16.29
C GLY G 283 -24.33 -0.76 17.29
N GLU G 284 -23.15 -0.38 16.80
CA GLU G 284 -21.95 -0.36 17.63
C GLU G 284 -22.08 0.70 18.72
N ARG G 285 -21.70 0.35 19.94
CA ARG G 285 -21.83 1.25 21.07
C ARG G 285 -20.79 2.36 20.99
N ALA G 286 -20.86 3.29 21.95
CA ALA G 286 -19.95 4.42 21.98
C ALA G 286 -19.51 4.70 23.41
N GLN G 287 -18.31 5.25 23.55
CA GLN G 287 -17.82 5.80 24.81
C GLN G 287 -16.88 6.94 24.51
N ILE G 288 -16.98 8.01 25.29
CA ILE G 288 -16.24 9.24 25.05
C ILE G 288 -15.41 9.57 26.28
N HIS G 289 -14.20 10.06 26.05
CA HIS G 289 -13.32 10.52 27.13
C HIS G 289 -12.70 11.84 26.68
N LYS G 290 -13.27 12.94 27.16
CA LYS G 290 -12.83 14.28 26.78
C LYS G 290 -12.45 15.06 28.02
N LYS G 291 -11.18 15.47 28.11
CA LYS G 291 -10.74 16.40 29.14
C LYS G 291 -10.78 17.84 28.63
N GLU G 292 -11.91 18.21 28.04
CA GLU G 292 -12.17 19.57 27.57
C GLU G 292 -11.17 20.03 26.50
N ASP G 293 -10.25 19.16 26.10
CA ASP G 293 -9.26 19.53 25.10
C ASP G 293 -9.18 18.55 23.95
N LYS G 294 -9.32 17.26 24.21
CA LYS G 294 -9.10 16.21 23.22
C LYS G 294 -10.25 15.22 23.28
N ILE G 295 -10.52 14.56 22.16
CA ILE G 295 -11.59 13.58 22.07
C ILE G 295 -10.97 12.20 21.98
N PHE G 296 -11.26 11.36 22.98
CA PHE G 296 -10.93 9.95 22.94
C PHE G 296 -12.24 9.17 22.80
N ILE G 297 -12.33 8.34 21.77
CA ILE G 297 -13.51 7.50 21.56
C ILE G 297 -13.04 6.05 21.53
N PHE G 298 -13.74 5.20 22.28
CA PHE G 298 -13.43 3.79 22.33
C PHE G 298 -14.66 3.00 21.92
N SER G 299 -14.42 1.87 21.26
CA SER G 299 -15.48 1.06 20.69
C SER G 299 -16.19 0.28 21.79
N ARG G 300 -17.10 -0.61 21.37
CA ARG G 300 -17.64 -1.59 22.32
C ARG G 300 -16.51 -2.46 22.86
N ARG G 301 -15.59 -2.86 22.00
CA ARG G 301 -14.33 -3.43 22.44
C ARG G 301 -13.37 -2.29 22.75
N LEU G 302 -12.11 -2.63 23.04
CA LEU G 302 -11.16 -1.64 23.54
C LEU G 302 -10.27 -1.17 22.39
N GLU G 303 -10.83 -0.30 21.54
CA GLU G 303 -10.12 0.17 20.36
C GLU G 303 -10.72 1.49 19.89
N ASN G 304 -9.85 2.42 19.49
CA ASN G 304 -10.30 3.73 19.04
C ASN G 304 -11.05 3.62 17.72
N ILE G 305 -12.03 4.50 17.53
CA ILE G 305 -12.75 4.61 16.27
C ILE G 305 -12.78 6.05 15.77
N THR G 306 -11.92 6.91 16.33
CA THR G 306 -11.89 8.31 15.93
C THR G 306 -11.51 8.45 14.46
N SER G 307 -10.55 7.64 14.01
CA SER G 307 -10.10 7.73 12.63
C SER G 307 -11.23 7.40 11.65
N GLN G 308 -12.00 6.35 11.93
CA GLN G 308 -13.13 6.00 11.09
C GLN G 308 -14.36 6.86 11.38
N TYR G 309 -14.36 7.59 12.48
CA TYR G 309 -15.49 8.42 12.88
C TYR G 309 -14.96 9.81 13.23
N PRO G 310 -14.66 10.63 12.23
CA PRO G 310 -14.17 11.98 12.53
C PRO G 310 -15.27 12.96 12.89
N ASP G 311 -16.45 12.79 12.31
CA ASP G 311 -17.52 13.76 12.50
C ASP G 311 -18.27 13.61 13.82
N VAL G 312 -18.12 12.47 14.50
CA VAL G 312 -18.82 12.30 15.78
C VAL G 312 -18.10 12.95 16.94
N VAL G 313 -16.82 13.34 16.77
CA VAL G 313 -16.10 14.05 17.81
C VAL G 313 -16.56 15.49 17.97
N ASP G 314 -17.50 15.93 17.14
CA ASP G 314 -17.95 17.32 17.12
C ASP G 314 -19.32 17.53 17.74
N TYR G 315 -20.25 16.59 17.56
CA TYR G 315 -21.55 16.69 18.21
C TYR G 315 -21.41 16.73 19.72
N VAL G 316 -20.41 16.03 20.27
CA VAL G 316 -20.22 15.97 21.71
C VAL G 316 -19.82 17.34 22.25
N SER G 317 -19.04 18.09 21.48
CA SER G 317 -18.51 19.36 21.98
C SER G 317 -19.59 20.42 22.09
N LYS G 318 -20.66 20.33 21.29
CA LYS G 318 -21.70 21.35 21.28
C LYS G 318 -23.01 20.90 21.91
N TYR G 319 -23.47 19.68 21.63
CA TYR G 319 -24.75 19.23 22.18
C TYR G 319 -24.66 18.89 23.66
N ILE G 320 -23.48 18.49 24.13
CA ILE G 320 -23.25 18.22 25.54
C ILE G 320 -22.43 19.37 26.10
N GLU G 321 -22.93 19.99 27.17
CA GLU G 321 -22.34 21.20 27.72
C GLU G 321 -21.90 20.94 29.16
N GLY G 322 -20.69 21.38 29.49
CA GLY G 322 -20.17 21.25 30.83
C GLY G 322 -18.66 21.16 30.90
N LYS G 323 -18.16 20.18 31.63
CA LYS G 323 -16.75 19.88 31.76
C LYS G 323 -16.52 18.42 31.38
N GLU G 324 -15.32 17.92 31.68
CA GLU G 324 -14.95 16.55 31.31
C GLU G 324 -16.05 15.56 31.69
N PHE G 325 -16.62 14.91 30.68
CA PHE G 325 -17.80 14.09 30.84
C PHE G 325 -17.59 12.76 30.12
N ILE G 326 -18.32 11.75 30.57
CA ILE G 326 -18.22 10.40 30.04
C ILE G 326 -19.63 9.91 29.74
N ILE G 327 -19.93 9.68 28.46
CA ILE G 327 -21.24 9.20 28.03
C ILE G 327 -21.05 7.98 27.16
N GLU G 328 -22.08 7.13 27.11
CA GLU G 328 -22.06 5.92 26.30
C GLU G 328 -23.18 6.00 25.27
N GLY G 329 -22.85 5.70 24.01
CA GLY G 329 -23.81 5.86 22.95
C GLY G 329 -23.94 4.65 22.04
N GLU G 330 -24.41 4.86 20.82
CA GLU G 330 -24.57 3.78 19.85
C GLU G 330 -24.47 4.36 18.45
N ILE G 331 -24.18 3.49 17.49
CA ILE G 331 -23.86 3.89 16.12
C ILE G 331 -24.75 3.11 15.16
N VAL G 332 -25.77 3.76 14.62
CA VAL G 332 -26.67 3.14 13.65
C VAL G 332 -27.08 4.18 12.63
N ALA G 333 -27.25 3.74 11.38
CA ALA G 333 -27.55 4.65 10.28
C ALA G 333 -29.01 5.10 10.33
N ILE G 334 -29.29 6.19 9.60
CA ILE G 334 -30.62 6.76 9.48
C ILE G 334 -30.89 7.00 8.00
N ASP G 335 -32.12 6.71 7.57
CA ASP G 335 -32.49 6.95 6.18
C ASP G 335 -32.43 8.45 5.89
N PRO G 336 -31.86 8.85 4.75
CA PRO G 336 -31.78 10.29 4.45
C PRO G 336 -33.09 10.86 3.92
N GLU G 337 -33.88 10.08 3.20
CA GLU G 337 -35.12 10.59 2.61
C GLU G 337 -36.10 11.04 3.69
N SER G 338 -36.26 10.23 4.73
CA SER G 338 -37.15 10.55 5.84
C SER G 338 -36.75 9.69 7.03
N GLY G 339 -37.58 9.70 8.08
CA GLY G 339 -37.30 8.93 9.26
C GLY G 339 -37.50 7.43 9.06
N GLU G 340 -36.39 6.70 9.01
CA GLU G 340 -36.42 5.25 8.84
C GLU G 340 -35.04 4.69 9.16
N MET G 341 -35.01 3.54 9.81
CA MET G 341 -33.75 2.92 10.18
C MET G 341 -33.13 2.21 8.98
N ARG G 342 -31.85 1.88 9.12
CA ARG G 342 -31.09 1.18 8.10
C ARG G 342 -30.38 -0.02 8.70
N PRO G 343 -30.19 -1.08 7.92
CA PRO G 343 -29.56 -2.29 8.47
C PRO G 343 -28.12 -2.05 8.87
N PHE G 344 -27.69 -2.79 9.90
CA PHE G 344 -26.29 -2.73 10.33
C PHE G 344 -25.35 -3.22 9.24
N GLN G 345 -25.83 -4.15 8.40
CA GLN G 345 -25.00 -4.67 7.32
C GLN G 345 -24.62 -3.57 6.34
N GLU G 346 -25.58 -2.71 6.01
CA GLU G 346 -25.28 -1.56 5.16
C GLU G 346 -24.30 -0.61 5.86
N LEU G 347 -24.48 -0.41 7.16
CA LEU G 347 -23.60 0.47 7.92
C LEU G 347 -22.17 -0.06 8.00
N MET G 348 -21.98 -1.38 7.87
CA MET G 348 -20.64 -1.94 7.97
C MET G 348 -19.70 -1.36 6.93
N HIS G 349 -20.21 -1.03 5.75
CA HIS G 349 -19.33 -0.53 4.69
C HIS G 349 -18.82 0.88 4.98
N ARG G 350 -19.59 1.67 5.72
CA ARG G 350 -19.15 3.02 6.05
C ARG G 350 -17.92 3.02 6.95
N LYS G 351 -17.89 2.11 7.92
CA LYS G 351 -16.82 2.11 8.92
C LYS G 351 -15.59 1.36 8.45
N ARG G 352 -15.13 1.65 7.23
CA ARG G 352 -13.93 1.01 6.70
C ARG G 352 -12.94 1.95 6.02
N LYS G 353 -13.37 3.12 5.54
CA LYS G 353 -12.59 3.92 4.60
C LYS G 353 -12.15 5.23 5.23
N SER G 354 -11.04 5.77 4.72
CA SER G 354 -10.60 7.12 5.07
C SER G 354 -11.27 8.19 4.23
N ASP G 355 -11.97 7.81 3.16
CA ASP G 355 -12.71 8.76 2.32
C ASP G 355 -14.07 9.03 2.96
N ILE G 356 -14.03 9.76 4.07
CA ILE G 356 -15.23 10.04 4.85
C ILE G 356 -16.19 10.92 4.06
N TYR G 357 -15.67 11.95 3.40
CA TYR G 357 -16.52 12.94 2.75
C TYR G 357 -16.99 12.47 1.37
N GLU G 358 -17.44 11.22 1.30
CA GLU G 358 -18.19 10.74 0.15
C GLU G 358 -19.40 9.91 0.54
N ALA G 359 -19.44 9.34 1.73
CA ALA G 359 -20.59 8.60 2.20
C ALA G 359 -20.98 8.89 3.64
N ILE G 360 -20.13 9.53 4.44
CA ILE G 360 -20.52 9.81 5.82
C ILE G 360 -21.69 10.78 5.86
N LYS G 361 -21.67 11.80 5.00
CA LYS G 361 -22.81 12.73 4.95
C LYS G 361 -24.06 12.05 4.41
N GLU G 362 -23.91 10.98 3.64
CA GLU G 362 -25.04 10.19 3.18
C GLU G 362 -25.36 9.01 4.10
N TYR G 363 -24.64 8.88 5.21
CA TYR G 363 -24.87 7.82 6.19
C TYR G 363 -25.09 8.46 7.56
N PRO G 364 -26.25 9.07 7.78
CA PRO G 364 -26.49 9.77 9.05
C PRO G 364 -26.61 8.79 10.21
N VAL G 365 -25.84 9.05 11.26
CA VAL G 365 -25.85 8.25 12.48
C VAL G 365 -26.07 9.19 13.66
N ASN G 366 -27.02 8.85 14.51
CA ASN G 366 -27.31 9.65 15.70
C ASN G 366 -26.60 9.07 16.90
N VAL G 367 -26.07 9.95 17.74
CA VAL G 367 -25.41 9.53 18.99
C VAL G 367 -26.50 9.44 20.04
N PHE G 368 -27.21 8.31 20.04
CA PHE G 368 -28.23 8.07 21.04
C PHE G 368 -27.59 7.99 22.42
N LEU G 369 -28.14 8.74 23.37
CA LEU G 369 -27.62 8.76 24.73
C LEU G 369 -28.58 8.06 25.67
N PHE G 370 -28.05 7.16 26.50
CA PHE G 370 -28.82 6.42 27.47
C PHE G 370 -28.28 6.54 28.88
N ASP G 371 -27.12 7.17 29.08
CA ASP G 371 -26.52 7.32 30.39
C ASP G 371 -25.42 8.37 30.34
N LEU G 372 -25.35 9.20 31.38
CA LEU G 372 -24.23 10.10 31.61
C LEU G 372 -23.44 9.54 32.78
N MET G 373 -22.29 8.94 32.50
CA MET G 373 -21.59 8.16 33.51
C MET G 373 -20.83 9.05 34.49
N TYR G 374 -19.85 9.80 34.00
CA TYR G 374 -18.90 10.51 34.87
C TYR G 374 -18.75 11.94 34.36
N TYR G 375 -19.45 12.88 35.00
CA TYR G 375 -19.41 14.28 34.58
C TYR G 375 -18.79 15.21 35.61
N GLU G 376 -19.33 15.24 36.83
CA GLU G 376 -18.96 16.32 37.75
C GLU G 376 -17.65 16.04 38.46
N ASP G 377 -16.63 15.64 37.70
CA ASP G 377 -15.23 15.62 38.11
C ASP G 377 -14.96 14.72 39.33
N VAL G 378 -15.95 13.98 39.82
CA VAL G 378 -15.77 13.05 40.93
C VAL G 378 -16.59 11.80 40.65
N ASP G 379 -16.36 10.77 41.47
CA ASP G 379 -16.95 9.46 41.24
C ASP G 379 -18.47 9.56 41.18
N TYR G 380 -19.04 8.89 40.18
CA TYR G 380 -20.47 9.01 39.89
C TYR G 380 -21.17 7.67 39.67
N THR G 381 -20.45 6.60 39.37
CA THR G 381 -21.10 5.34 38.96
C THR G 381 -21.73 4.59 40.11
N THR G 382 -21.49 4.99 41.36
CA THR G 382 -22.03 4.29 42.52
C THR G 382 -23.41 4.81 42.93
N LYS G 383 -24.18 5.39 42.01
CA LYS G 383 -25.48 5.95 42.34
C LYS G 383 -26.59 5.23 41.58
N PRO G 384 -27.82 5.17 42.13
CA PRO G 384 -28.88 4.37 41.50
C PRO G 384 -29.35 4.93 40.16
N LEU G 385 -30.32 4.24 39.55
CA LEU G 385 -30.75 4.53 38.19
C LEU G 385 -31.90 5.53 38.14
N GLU G 386 -31.74 6.65 38.84
CA GLU G 386 -32.62 7.80 38.65
C GLU G 386 -31.77 9.06 38.47
N ALA G 387 -30.64 9.10 39.17
CA ALA G 387 -29.76 10.26 39.09
C ALA G 387 -29.23 10.46 37.68
N ARG G 388 -28.70 9.40 37.08
CA ARG G 388 -28.18 9.50 35.71
C ARG G 388 -29.30 9.74 34.71
N ARG G 389 -30.46 9.11 34.94
CA ARG G 389 -31.58 9.29 34.02
C ARG G 389 -32.03 10.75 33.99
N LYS G 390 -32.07 11.40 35.15
CA LYS G 390 -32.41 12.83 35.19
C LYS G 390 -31.26 13.70 34.70
N LEU G 391 -30.01 13.28 34.93
CA LEU G 391 -28.86 14.04 34.45
C LEU G 391 -28.85 14.13 32.93
N LEU G 392 -29.17 13.02 32.27
CA LEU G 392 -29.10 12.98 30.81
C LEU G 392 -30.18 13.84 30.15
N GLU G 393 -31.30 14.07 30.83
CA GLU G 393 -32.39 14.84 30.23
C GLU G 393 -32.07 16.33 30.16
N SER G 394 -31.16 16.81 31.00
CA SER G 394 -30.89 18.24 31.10
C SER G 394 -29.73 18.68 30.22
N ILE G 395 -28.64 17.92 30.16
CA ILE G 395 -27.47 18.31 29.37
C ILE G 395 -27.72 17.80 27.96
N VAL G 396 -28.45 18.60 27.19
CA VAL G 396 -28.85 18.21 25.84
C VAL G 396 -29.28 19.48 25.10
N LYS G 397 -29.27 19.41 23.77
CA LYS G 397 -29.70 20.50 22.91
C LYS G 397 -30.84 20.03 22.02
N PRO G 398 -31.97 20.76 21.97
CA PRO G 398 -33.12 20.27 21.20
C PRO G 398 -32.84 20.17 19.71
N ASN G 399 -32.80 18.95 19.20
CA ASN G 399 -32.54 18.70 17.79
C ASN G 399 -32.88 17.25 17.48
N ASP G 400 -33.03 16.96 16.19
CA ASP G 400 -33.29 15.60 15.73
C ASP G 400 -32.02 14.81 15.48
N TYR G 401 -30.85 15.45 15.52
CA TYR G 401 -29.61 14.74 15.28
C TYR G 401 -29.22 13.83 16.44
N VAL G 402 -29.73 14.12 17.65
CA VAL G 402 -29.46 13.30 18.83
C VAL G 402 -30.80 12.95 19.48
N LYS G 403 -30.99 11.67 19.77
CA LYS G 403 -32.20 11.18 20.42
C LYS G 403 -31.83 10.48 21.72
N ILE G 404 -32.66 10.67 22.73
CA ILE G 404 -32.39 10.18 24.09
C ILE G 404 -33.37 9.07 24.41
N ALA G 405 -33.22 8.45 25.59
CA ALA G 405 -34.11 7.39 26.02
C ALA G 405 -35.56 7.83 25.98
N HIS G 406 -36.35 7.21 25.10
CA HIS G 406 -37.74 7.56 24.92
C HIS G 406 -38.55 6.96 26.07
N HIS G 407 -38.50 7.66 27.20
CA HIS G 407 -39.10 7.17 28.43
C HIS G 407 -40.62 7.17 28.28
N ILE G 408 -41.19 5.99 28.06
CA ILE G 408 -42.62 5.79 27.92
C ILE G 408 -43.08 4.91 29.07
N GLN G 409 -44.09 5.38 29.81
CA GLN G 409 -44.57 4.70 31.00
C GLN G 409 -45.92 4.06 30.69
N ALA G 410 -46.02 2.76 30.92
CA ALA G 410 -47.24 2.00 30.72
C ALA G 410 -47.88 1.68 32.06
N ASN G 411 -48.96 0.89 32.03
CA ASN G 411 -49.64 0.49 33.26
C ASN G 411 -49.52 -1.01 33.52
N ASN G 412 -49.88 -1.86 32.55
CA ASN G 412 -49.77 -3.29 32.73
C ASN G 412 -49.14 -3.95 31.51
N VAL G 413 -49.14 -5.29 31.47
CA VAL G 413 -48.54 -6.02 30.36
C VAL G 413 -49.29 -5.71 29.06
N GLU G 414 -50.61 -5.56 29.14
CA GLU G 414 -51.38 -5.22 27.94
C GLU G 414 -50.91 -3.89 27.35
N ASP G 415 -50.66 -2.89 28.20
CA ASP G 415 -50.04 -1.67 27.73
C ASP G 415 -48.59 -1.91 27.32
N LEU G 416 -47.88 -2.77 28.05
CA LEU G 416 -46.52 -3.12 27.67
C LEU G 416 -46.49 -3.81 26.31
N LYS G 417 -47.43 -4.73 26.07
CA LYS G 417 -47.52 -5.36 24.76
C LYS G 417 -47.91 -4.35 23.68
N SER G 418 -48.63 -3.29 24.06
CA SER G 418 -48.92 -2.22 23.11
C SER G 418 -47.64 -1.52 22.67
N PHE G 419 -46.71 -1.31 23.60
CA PHE G 419 -45.42 -0.72 23.25
C PHE G 419 -44.65 -1.60 22.29
N PHE G 420 -44.65 -2.91 22.53
CA PHE G 420 -43.96 -3.83 21.62
C PHE G 420 -44.64 -3.86 20.26
N TYR G 421 -45.97 -3.78 20.22
CA TYR G 421 -46.69 -3.73 18.94
C TYR G 421 -46.34 -2.47 18.18
N ARG G 422 -46.26 -1.33 18.87
CA ARG G 422 -45.83 -0.09 18.22
C ARG G 422 -44.41 -0.23 17.69
N ALA G 423 -43.53 -0.84 18.47
CA ALA G 423 -42.16 -1.04 18.02
C ALA G 423 -42.12 -1.90 16.76
N ILE G 424 -42.86 -3.02 16.76
CA ILE G 424 -42.86 -3.92 15.61
C ILE G 424 -43.43 -3.21 14.39
N SER G 425 -44.48 -2.41 14.57
CA SER G 425 -45.01 -1.61 13.47
C SER G 425 -43.98 -0.63 12.95
N GLU G 426 -43.15 -0.08 13.85
CA GLU G 426 -42.07 0.82 13.45
C GLU G 426 -40.74 0.11 13.29
N GLY G 427 -40.69 -1.20 13.46
CA GLY G 427 -39.46 -1.94 13.22
C GLY G 427 -38.47 -1.83 14.36
N GLY G 428 -37.20 -2.04 14.03
CA GLY G 428 -36.15 -2.02 15.03
C GLY G 428 -36.04 -3.33 15.77
N GLU G 429 -35.09 -3.36 16.71
CA GLU G 429 -34.85 -4.59 17.47
C GLU G 429 -36.05 -4.93 18.35
N GLY G 430 -36.53 -3.98 19.13
CA GLY G 430 -37.63 -4.23 20.04
C GLY G 430 -37.59 -3.40 21.30
N VAL G 431 -37.72 -4.04 22.46
CA VAL G 431 -37.79 -3.36 23.74
C VAL G 431 -36.78 -3.97 24.70
N MET G 432 -36.01 -3.10 25.37
CA MET G 432 -35.09 -3.50 26.43
C MET G 432 -35.40 -2.68 27.67
N VAL G 433 -35.38 -3.33 28.83
CA VAL G 433 -35.76 -2.69 30.08
C VAL G 433 -34.65 -2.88 31.11
N LYS G 434 -34.32 -1.80 31.81
CA LYS G 434 -33.29 -1.81 32.84
C LYS G 434 -33.91 -2.11 34.20
N ALA G 435 -33.07 -2.12 35.24
CA ALA G 435 -33.50 -2.33 36.61
C ALA G 435 -33.06 -1.15 37.46
N ILE G 436 -33.96 -0.66 38.31
CA ILE G 436 -33.71 0.49 39.17
C ILE G 436 -33.84 0.05 40.63
N GLY G 437 -32.83 0.37 41.43
CA GLY G 437 -32.86 0.01 42.84
C GLY G 437 -31.71 0.67 43.58
N LYS G 438 -31.79 0.59 44.91
CA LYS G 438 -30.77 1.21 45.75
C LYS G 438 -29.40 0.59 45.49
N ASP G 439 -29.31 -0.73 45.54
CA ASP G 439 -28.10 -1.43 45.17
C ASP G 439 -28.01 -1.71 43.68
N ALA G 440 -29.09 -1.50 42.94
CA ALA G 440 -29.08 -1.71 41.49
C ALA G 440 -28.47 -0.48 40.84
N ILE G 441 -27.19 -0.57 40.50
CA ILE G 441 -26.44 0.52 39.90
C ILE G 441 -25.70 -0.01 38.68
N TYR G 442 -25.29 0.91 37.81
CA TYR G 442 -24.55 0.54 36.60
C TYR G 442 -23.12 0.20 37.00
N GLN G 443 -22.88 -1.07 37.27
CA GLN G 443 -21.54 -1.56 37.57
C GLN G 443 -20.83 -1.94 36.28
N ALA G 444 -19.62 -2.46 36.42
CA ALA G 444 -18.81 -2.90 35.28
C ALA G 444 -18.41 -4.35 35.51
N GLY G 445 -18.91 -5.24 34.66
CA GLY G 445 -18.59 -6.65 34.74
C GLY G 445 -19.84 -7.50 34.95
N ALA G 446 -19.62 -8.82 34.84
CA ALA G 446 -20.67 -9.83 34.98
C ALA G 446 -21.82 -9.59 34.02
N ARG G 447 -22.97 -10.24 34.27
CA ARG G 447 -24.16 -10.04 33.47
C ARG G 447 -25.26 -9.33 34.26
N GLY G 448 -25.64 -9.88 35.42
CA GLY G 448 -26.54 -9.21 36.34
C GLY G 448 -27.95 -9.00 35.83
N TRP G 449 -28.84 -8.59 36.72
CA TRP G 449 -30.22 -8.27 36.38
C TRP G 449 -30.44 -6.77 36.23
N LEU G 450 -29.37 -5.97 36.24
CA LEU G 450 -29.53 -4.52 36.07
C LEU G 450 -30.16 -4.20 34.72
N TRP G 451 -29.73 -4.89 33.67
CA TRP G 451 -30.30 -4.74 32.34
C TRP G 451 -30.91 -6.06 31.91
N ILE G 452 -32.06 -5.99 31.23
CA ILE G 452 -32.73 -7.17 30.71
C ILE G 452 -33.06 -6.91 29.24
N LYS G 453 -32.51 -7.71 28.35
CA LYS G 453 -32.72 -7.59 26.92
C LYS G 453 -33.66 -8.67 26.43
N LEU G 454 -34.63 -8.27 25.61
CA LEU G 454 -35.67 -9.17 25.13
C LEU G 454 -35.48 -9.46 23.65
N LYS G 455 -35.55 -10.74 23.28
CA LYS G 455 -35.50 -11.15 21.89
C LYS G 455 -36.27 -12.45 21.74
N ARG G 456 -36.69 -12.72 20.50
CA ARG G 456 -37.45 -13.92 20.19
C ARG G 456 -37.27 -14.22 18.69
N ASP G 457 -38.08 -15.14 18.18
CA ASP G 457 -38.03 -15.51 16.78
C ASP G 457 -38.75 -14.49 15.92
MN MN H . -1.92 -10.46 9.29
MN MN I . -5.40 -11.22 13.00
P AMP J . -26.67 -6.18 19.68
O1P AMP J . -26.49 -5.45 18.37
O2P AMP J . -28.03 -6.75 19.99
O5' AMP J . -26.39 -5.09 20.83
C5' AMP J . -25.29 -4.18 20.71
C4' AMP J . -25.20 -3.33 21.96
O4' AMP J . -26.27 -2.38 22.04
C3' AMP J . -25.28 -4.17 23.22
O3' AMP J . -24.00 -4.23 23.85
C2' AMP J . -26.27 -3.47 24.12
O2' AMP J . -25.66 -3.20 25.39
C1' AMP J . -26.61 -2.18 23.41
N9 AMP J . -28.06 -1.88 23.58
C8 AMP J . -29.05 -2.28 22.77
N7 AMP J . -30.25 -1.84 23.21
C5 AMP J . -30.03 -1.15 24.35
C6 AMP J . -30.86 -0.41 25.34
N6 AMP J . -32.20 -0.33 25.20
N1 AMP J . -30.24 0.17 26.38
C2 AMP J . -28.89 0.10 26.52
N3 AMP J . -28.08 -0.55 25.67
C4 AMP J . -28.58 -1.18 24.58
MN MN K . -7.46 -4.48 16.68
MN MN L . -28.03 -3.67 20.28
#